data_7B4M
#
_entry.id   7B4M
#
_cell.length_a   1.00
_cell.length_b   1.00
_cell.length_c   1.00
_cell.angle_alpha   90.00
_cell.angle_beta   90.00
_cell.angle_gamma   90.00
#
_symmetry.space_group_name_H-M   'P 1'
#
_entity_poly.entity_id   1
_entity_poly.type   'polypeptide(L)'
_entity_poly.pdbx_seq_one_letter_code
;MGDEDKRITYEDSEPSTGMNYTPSMHQEAQEETVMKLKGIDANEPTEGSILLKSSEKKLQETPTEANHVQRLRQMLACPP
HGLLDRVITNVTIIVLLWAVVWSITGSECLPGGNLFGIIILFYCAIIGGKLLGLIKLPTLPPLPSLLGMLLAGFLIRNIP
VINDNVQIKHKWSSSLRSIALSIILVRAGLGLDSKALKKLKGVCVRLSMGPCIVEACTSALLAHYLLGLPWQWGFILGFV
LGAVSPAVVVPSMLLLQGGGYGVEKGVPTLLMAAGSFDDILAITGFNTCLGIAFSTGSTVFNVLRGVLEVVIGVATGSVL
GFFIQYFPSRDQDKLVCKRTFLVLGLSVLAVFSSVHFGFPGSGGLCTLVMAFLAGMGWTSEKAEVEKIIAVAWDIFQPLL
FGLIGAEVSIASLRPETVGLCVATVGIAVLIRILTTFLMVCFAGFNLKEKIFISFAWLPKATVQAAIGSVALDTARSHGE
KQLEDYGMDVLTVAFLSILITAPIGSLLIGLLGPRLLQKVEHQNKDEEVQGETSVQV
;
_entity_poly.pdbx_strand_id   A,B
#
# COMPACT_ATOMS: atom_id res chain seq x y z
N PRO A 63 15.28 -17.41 46.36
CA PRO A 63 15.35 -18.78 46.85
C PRO A 63 14.28 -19.65 46.19
N THR A 64 13.01 -19.31 46.42
CA THR A 64 11.92 -20.07 45.84
C THR A 64 11.74 -19.80 44.34
N GLU A 65 12.46 -18.82 43.79
CA GLU A 65 12.35 -18.55 42.36
C GLU A 65 12.83 -19.73 41.53
N ALA A 66 13.84 -20.47 42.02
CA ALA A 66 14.29 -21.65 41.30
C ALA A 66 13.22 -22.73 41.26
N ASN A 67 12.55 -22.96 42.40
CA ASN A 67 11.47 -23.93 42.42
C ASN A 67 10.31 -23.48 41.54
N HIS A 68 10.02 -22.17 41.51
CA HIS A 68 8.97 -21.66 40.65
C HIS A 68 9.31 -21.87 39.18
N VAL A 69 10.57 -21.63 38.81
CA VAL A 69 10.99 -21.84 37.43
C VAL A 69 10.94 -23.32 37.06
N GLN A 70 11.32 -24.19 38.01
CA GLN A 70 11.21 -25.63 37.75
C GLN A 70 9.77 -26.06 37.57
N ARG A 71 8.87 -25.50 38.37
CA ARG A 71 7.45 -25.82 38.22
C ARG A 71 6.90 -25.32 36.90
N LEU A 72 7.32 -24.12 36.46
CA LEU A 72 6.91 -23.63 35.15
C LEU A 72 7.45 -24.50 34.04
N ARG A 73 8.69 -24.96 34.16
CA ARG A 73 9.25 -25.88 33.17
C ARG A 73 8.50 -27.21 33.15
N GLN A 74 8.05 -27.67 34.32
CA GLN A 74 7.26 -28.89 34.37
C GLN A 74 5.89 -28.69 33.73
N MET A 75 5.30 -27.51 33.94
CA MET A 75 4.02 -27.20 33.29
C MET A 75 4.17 -27.11 31.78
N LEU A 76 5.31 -26.61 31.30
CA LEU A 76 5.58 -26.58 29.87
C LEU A 76 6.06 -27.91 29.32
N ALA A 77 6.42 -28.85 30.18
CA ALA A 77 6.83 -30.18 29.73
C ALA A 77 5.69 -30.88 28.98
N CYS A 78 4.45 -30.69 29.44
CA CYS A 78 3.30 -31.07 28.63
C CYS A 78 3.22 -30.05 27.51
N PRO A 79 3.59 -30.42 26.29
CA PRO A 79 3.96 -29.42 25.27
C PRO A 79 2.75 -28.61 24.83
N PRO A 80 2.76 -27.30 25.07
CA PRO A 80 1.78 -26.40 24.45
C PRO A 80 2.25 -25.96 23.07
N HIS A 81 2.59 -26.93 22.23
CA HIS A 81 3.27 -26.65 20.97
C HIS A 81 2.43 -25.76 20.05
N GLY A 82 1.11 -25.75 20.23
CA GLY A 82 0.27 -24.91 19.40
C GLY A 82 0.58 -23.43 19.58
N LEU A 83 0.27 -22.89 20.77
CA LEU A 83 0.50 -21.47 21.03
C LEU A 83 1.98 -21.13 20.87
N LEU A 84 2.86 -22.06 21.21
CA LEU A 84 4.29 -21.83 21.05
C LEU A 84 4.64 -21.61 19.58
N ASP A 85 4.15 -22.48 18.69
CA ASP A 85 4.39 -22.30 17.27
C ASP A 85 3.76 -21.02 16.75
N ARG A 86 2.57 -20.67 17.25
CA ARG A 86 1.94 -19.43 16.86
C ARG A 86 2.84 -18.23 17.17
N VAL A 87 3.32 -18.16 18.41
CA VAL A 87 4.15 -17.04 18.82
C VAL A 87 5.48 -17.05 18.06
N ILE A 88 6.02 -18.24 17.78
CA ILE A 88 7.28 -18.33 17.04
C ILE A 88 7.10 -17.79 15.64
N THR A 89 6.04 -18.20 14.96
CA THR A 89 5.76 -17.67 13.63
C THR A 89 5.57 -16.15 13.68
N ASN A 90 4.85 -15.68 14.70
CA ASN A 90 4.64 -14.25 14.86
C ASN A 90 5.96 -13.49 14.93
N VAL A 91 6.83 -13.91 15.85
CA VAL A 91 8.11 -13.21 16.04
C VAL A 91 9.07 -13.46 14.88
N THR A 92 8.80 -14.46 14.04
CA THR A 92 9.71 -14.78 12.96
C THR A 92 9.37 -14.03 11.67
N ILE A 93 8.09 -13.74 11.46
CA ILE A 93 7.65 -13.15 10.18
C ILE A 93 8.26 -11.77 9.98
N ILE A 94 8.58 -11.08 11.09
CA ILE A 94 8.75 -9.63 11.14
C ILE A 94 9.55 -9.08 9.96
N VAL A 95 10.72 -9.66 9.68
CA VAL A 95 11.73 -8.96 8.90
C VAL A 95 11.42 -8.96 7.40
N LEU A 96 10.25 -9.49 7.02
CA LEU A 96 9.94 -9.66 5.60
C LEU A 96 9.98 -8.34 4.84
N LEU A 97 9.15 -7.37 5.25
CA LEU A 97 9.11 -6.10 4.52
C LEU A 97 10.39 -5.31 4.72
N TRP A 98 11.07 -5.49 5.86
CA TRP A 98 12.38 -4.87 6.04
C TRP A 98 13.32 -5.27 4.91
N ALA A 99 13.45 -6.58 4.67
CA ALA A 99 14.32 -7.05 3.61
C ALA A 99 13.82 -6.62 2.24
N VAL A 100 12.49 -6.58 2.06
CA VAL A 100 11.92 -6.16 0.79
C VAL A 100 12.37 -4.73 0.46
N VAL A 101 12.04 -3.78 1.33
CA VAL A 101 12.40 -2.41 1.06
C VAL A 101 13.90 -2.19 1.15
N TRP A 102 14.65 -3.09 1.80
CA TRP A 102 16.10 -3.02 1.74
C TRP A 102 16.59 -3.30 0.33
N SER A 103 16.13 -4.41 -0.26
CA SER A 103 16.44 -4.68 -1.66
C SER A 103 15.91 -3.60 -2.58
N ILE A 104 14.87 -2.88 -2.17
CA ILE A 104 14.35 -1.77 -2.96
C ILE A 104 15.27 -0.57 -2.90
N THR A 105 15.76 -0.21 -1.71
CA THR A 105 16.47 1.04 -1.50
C THR A 105 17.86 0.89 -0.88
N GLY A 106 18.20 -0.26 -0.34
CA GLY A 106 19.53 -0.43 0.23
C GLY A 106 19.60 0.06 1.66
N SER A 107 20.49 1.02 1.91
CA SER A 107 20.78 1.48 3.26
C SER A 107 19.61 2.20 3.92
N GLU A 108 18.55 2.51 3.17
CA GLU A 108 17.38 3.10 3.78
C GLU A 108 16.73 2.17 4.79
N CYS A 109 17.04 0.87 4.72
CA CYS A 109 16.56 -0.12 5.66
C CYS A 109 17.69 -0.71 6.50
N LEU A 110 18.66 0.11 6.88
CA LEU A 110 19.78 -0.27 7.71
C LEU A 110 19.82 0.67 8.91
N PRO A 111 20.64 0.37 9.93
CA PRO A 111 20.67 1.28 11.09
C PRO A 111 21.39 2.58 10.79
N GLY A 112 21.12 3.13 9.61
CA GLY A 112 21.45 4.47 9.21
C GLY A 112 20.40 5.08 8.30
N GLY A 113 19.28 4.39 8.13
CA GLY A 113 18.30 4.77 7.13
C GLY A 113 16.99 5.28 7.73
N ASN A 114 16.24 6.00 6.92
CA ASN A 114 14.97 6.57 7.36
C ASN A 114 13.90 5.50 7.54
N LEU A 115 13.60 4.76 6.47
CA LEU A 115 12.54 3.76 6.52
C LEU A 115 12.83 2.71 7.58
N PHE A 116 14.11 2.38 7.77
CA PHE A 116 14.50 1.51 8.88
C PHE A 116 14.05 2.08 10.22
N GLY A 117 14.33 3.36 10.44
CA GLY A 117 13.90 3.99 11.67
C GLY A 117 12.39 3.98 11.82
N ILE A 118 11.68 4.21 10.72
CA ILE A 118 10.22 4.22 10.75
C ILE A 118 9.69 2.86 11.18
N ILE A 119 10.19 1.79 10.55
CA ILE A 119 9.66 0.47 10.81
C ILE A 119 10.04 0.00 12.21
N ILE A 120 11.26 0.32 12.67
CA ILE A 120 11.62 -0.09 14.02
C ILE A 120 10.84 0.71 15.05
N LEU A 121 10.53 1.97 14.75
CA LEU A 121 9.66 2.74 15.62
C LEU A 121 8.30 2.07 15.74
N PHE A 122 7.71 1.70 14.61
CA PHE A 122 6.42 1.01 14.62
C PHE A 122 6.51 -0.28 15.44
N TYR A 123 7.59 -1.03 15.28
CA TYR A 123 7.75 -2.31 15.95
C TYR A 123 7.87 -2.15 17.46
N CYS A 124 8.76 -1.27 17.92
CA CYS A 124 8.89 -1.04 19.35
C CYS A 124 7.62 -0.42 19.92
N ALA A 125 6.85 0.29 19.08
CA ALA A 125 5.60 0.88 19.55
C ALA A 125 4.55 -0.19 19.78
N ILE A 126 4.42 -1.14 18.84
CA ILE A 126 3.44 -2.20 19.01
C ILE A 126 3.86 -3.13 20.13
N ILE A 127 5.17 -3.26 20.37
CA ILE A 127 5.63 -4.12 21.46
C ILE A 127 5.45 -3.43 22.80
N GLY A 128 5.89 -2.17 22.92
CA GLY A 128 5.85 -1.49 24.21
C GLY A 128 4.45 -1.38 24.78
N GLY A 129 3.44 -1.25 23.91
CA GLY A 129 2.08 -1.12 24.39
C GLY A 129 1.57 -2.38 25.07
N LYS A 130 1.86 -3.54 24.49
CA LYS A 130 1.34 -4.79 25.06
C LYS A 130 2.01 -5.13 26.37
N LEU A 131 3.31 -4.87 26.49
CA LEU A 131 4.02 -5.17 27.73
C LEU A 131 3.48 -4.34 28.89
N LEU A 132 2.96 -3.14 28.60
CA LEU A 132 2.48 -2.27 29.67
C LEU A 132 1.32 -2.91 30.42
N GLY A 133 0.50 -3.70 29.74
CA GLY A 133 -0.58 -4.43 30.39
C GLY A 133 -0.46 -5.93 30.29
N LEU A 134 0.73 -6.46 30.01
CA LEU A 134 0.90 -7.89 29.78
C LEU A 134 0.88 -8.70 31.07
N ILE A 135 1.81 -8.41 31.98
CA ILE A 135 2.05 -9.32 33.11
C ILE A 135 1.40 -8.87 34.41
N LYS A 136 0.98 -7.61 34.53
CA LYS A 136 0.48 -7.15 35.81
C LYS A 136 -0.64 -6.14 35.61
N LEU A 137 -1.44 -5.97 36.66
CA LEU A 137 -2.53 -5.00 36.72
C LEU A 137 -2.50 -4.38 38.11
N PRO A 138 -2.62 -3.05 38.22
CA PRO A 138 -2.54 -2.42 39.54
C PRO A 138 -3.78 -2.75 40.39
N THR A 139 -4.08 -4.05 40.40
CA THR A 139 -4.94 -4.85 41.28
C THR A 139 -6.42 -4.50 41.16
N LEU A 140 -6.77 -3.32 40.66
CA LEU A 140 -8.12 -3.15 40.15
C LEU A 140 -8.23 -3.22 38.62
N PRO A 141 -7.51 -2.37 37.89
CA PRO A 141 -7.89 -2.08 36.49
C PRO A 141 -7.06 -2.85 35.48
N PRO A 142 -7.45 -2.79 34.21
CA PRO A 142 -6.53 -3.10 33.13
C PRO A 142 -5.64 -1.91 32.80
N LEU A 143 -4.89 -2.00 31.70
CA LEU A 143 -3.88 -0.99 31.43
C LEU A 143 -4.14 -0.25 30.12
N PRO A 144 -3.78 1.04 30.06
CA PRO A 144 -3.87 1.81 28.81
C PRO A 144 -2.68 1.62 27.88
N SER A 145 -2.76 0.60 27.02
CA SER A 145 -1.67 0.24 26.11
C SER A 145 -1.10 1.44 25.37
N LEU A 146 -1.93 2.44 25.05
CA LEU A 146 -1.47 3.56 24.25
C LEU A 146 -0.39 4.37 24.95
N LEU A 147 -0.43 4.40 26.29
CA LEU A 147 0.65 5.01 27.06
C LEU A 147 1.98 4.38 26.71
N GLY A 148 2.06 3.05 26.71
CA GLY A 148 3.29 2.39 26.32
C GLY A 148 3.63 2.61 24.86
N MET A 149 2.60 2.63 23.99
CA MET A 149 2.83 2.86 22.58
C MET A 149 3.52 4.19 22.34
N LEU A 150 3.13 5.23 23.09
CA LEU A 150 3.77 6.53 22.92
C LEU A 150 5.10 6.60 23.67
N LEU A 151 5.17 5.94 24.83
CA LEU A 151 6.39 5.96 25.61
C LEU A 151 7.54 5.30 24.88
N ALA A 152 7.23 4.35 23.99
CA ALA A 152 8.28 3.75 23.16
C ALA A 152 9.01 4.80 22.34
N GLY A 153 8.27 5.54 21.51
CA GLY A 153 8.91 6.61 20.73
C GLY A 153 9.59 7.63 21.61
N PHE A 154 8.98 7.92 22.77
CA PHE A 154 9.59 8.88 23.69
C PHE A 154 10.97 8.42 24.15
N LEU A 155 11.06 7.16 24.58
CA LEU A 155 12.34 6.66 25.09
C LEU A 155 13.35 6.50 23.95
N ILE A 156 12.88 6.18 22.74
CA ILE A 156 13.79 6.17 21.60
C ILE A 156 14.36 7.56 21.37
N ARG A 157 13.51 8.58 21.52
CA ARG A 157 14.00 9.96 21.39
C ARG A 157 14.97 10.31 22.50
N ASN A 158 14.75 9.80 23.71
CA ASN A 158 15.55 10.17 24.87
C ASN A 158 17.02 9.80 24.74
N ILE A 159 17.32 8.62 24.21
CA ILE A 159 18.70 8.16 24.08
C ILE A 159 19.22 8.54 22.70
N PRO A 160 20.01 9.60 22.58
CA PRO A 160 20.42 10.05 21.23
C PRO A 160 21.51 9.19 20.61
N VAL A 161 22.40 8.63 21.42
CA VAL A 161 23.51 7.83 20.90
C VAL A 161 23.00 6.63 20.12
N ILE A 162 21.74 6.24 20.35
CA ILE A 162 21.09 5.21 19.54
C ILE A 162 19.97 5.79 18.71
N ASN A 163 19.45 6.97 19.06
CA ASN A 163 18.46 7.64 18.22
C ASN A 163 19.07 8.13 16.92
N ASP A 164 20.41 8.17 16.85
CA ASP A 164 21.09 8.64 15.65
C ASP A 164 21.01 7.65 14.50
N ASN A 165 20.21 6.60 14.64
CA ASN A 165 19.89 5.70 13.54
C ASN A 165 18.43 5.79 13.14
N VAL A 166 17.66 6.68 13.76
CA VAL A 166 16.20 6.73 13.61
C VAL A 166 15.84 8.11 13.08
N GLN A 167 16.73 8.70 12.29
CA GLN A 167 16.46 10.02 11.74
C GLN A 167 15.39 9.93 10.66
N ILE A 168 14.13 10.15 11.07
CA ILE A 168 13.01 10.05 10.16
C ILE A 168 12.86 11.36 9.39
N LYS A 169 12.53 11.24 8.11
CA LYS A 169 12.21 12.41 7.30
C LYS A 169 11.12 13.23 7.98
N HIS A 170 11.45 14.48 8.32
CA HIS A 170 10.51 15.31 9.07
C HIS A 170 9.20 15.46 8.34
N LYS A 171 9.26 15.75 7.04
CA LYS A 171 8.04 15.87 6.24
C LYS A 171 7.23 14.58 6.29
N TRP A 172 7.89 13.44 6.06
CA TRP A 172 7.19 12.17 6.02
C TRP A 172 6.63 11.82 7.40
N SER A 173 7.42 12.03 8.45
CA SER A 173 6.93 11.74 9.80
C SER A 173 5.72 12.59 10.14
N SER A 174 5.76 13.88 9.80
CA SER A 174 4.62 14.75 10.06
C SER A 174 3.40 14.33 9.26
N SER A 175 3.61 13.87 8.02
CA SER A 175 2.49 13.41 7.22
C SER A 175 1.85 12.17 7.83
N LEU A 176 2.68 11.25 8.34
CA LEU A 176 2.15 10.08 9.02
C LEU A 176 1.35 10.49 10.25
N ARG A 177 1.87 11.43 11.04
CA ARG A 177 1.16 11.89 12.22
C ARG A 177 -0.17 12.53 11.84
N SER A 178 -0.21 13.21 10.70
CA SER A 178 -1.44 13.87 10.28
C SER A 178 -2.45 12.90 9.68
N ILE A 179 -1.99 11.82 9.06
CA ILE A 179 -2.93 10.87 8.47
C ILE A 179 -3.48 9.92 9.53
N ALA A 180 -2.68 9.62 10.56
CA ALA A 180 -3.09 8.62 11.54
C ALA A 180 -4.38 9.02 12.25
N LEU A 181 -4.64 10.32 12.37
CA LEU A 181 -5.83 10.77 13.08
C LEU A 181 -7.10 10.62 12.24
N SER A 182 -6.94 10.54 10.91
CA SER A 182 -8.11 10.46 10.04
C SER A 182 -8.95 9.22 10.33
N ILE A 183 -8.29 8.13 10.74
CA ILE A 183 -9.01 6.89 11.00
C ILE A 183 -9.92 7.04 12.21
N ILE A 184 -9.39 7.62 13.29
CA ILE A 184 -10.23 7.84 14.46
C ILE A 184 -11.31 8.87 14.15
N LEU A 185 -11.00 9.81 13.24
CA LEU A 185 -12.01 10.76 12.81
C LEU A 185 -13.20 10.06 12.16
N VAL A 186 -12.93 9.22 11.16
CA VAL A 186 -14.02 8.57 10.45
C VAL A 186 -14.72 7.56 11.35
N ARG A 187 -13.98 6.94 12.27
CA ARG A 187 -14.61 6.06 13.24
C ARG A 187 -15.60 6.81 14.11
N ALA A 188 -15.24 8.04 14.51
CA ALA A 188 -16.15 8.84 15.31
C ALA A 188 -17.37 9.26 14.51
N GLY A 189 -17.16 9.63 13.24
CA GLY A 189 -18.27 10.15 12.45
C GLY A 189 -19.35 9.12 12.19
N LEU A 190 -18.96 7.88 11.93
CA LEU A 190 -19.94 6.86 11.59
C LEU A 190 -20.76 6.45 12.81
N GLY A 191 -20.12 6.35 13.98
CA GLY A 191 -20.79 5.84 15.16
C GLY A 191 -21.76 6.82 15.80
N LEU A 192 -21.83 8.05 15.29
CA LEU A 192 -22.67 9.07 15.91
C LEU A 192 -24.15 8.73 15.73
N ASP A 193 -24.97 9.27 16.63
CA ASP A 193 -26.41 9.15 16.58
C ASP A 193 -26.99 10.55 16.70
N SER A 194 -27.91 10.91 15.80
CA SER A 194 -28.36 12.29 15.71
C SER A 194 -29.49 12.61 16.67
N LYS A 195 -30.29 11.60 17.05
CA LYS A 195 -31.49 11.88 17.84
C LYS A 195 -31.13 12.44 19.21
N ALA A 196 -30.27 11.75 19.96
CA ALA A 196 -29.93 12.22 21.30
C ALA A 196 -29.20 13.54 21.26
N LEU A 197 -28.35 13.74 20.24
CA LEU A 197 -27.57 14.97 20.14
C LEU A 197 -28.43 16.16 19.76
N LYS A 198 -29.46 15.93 18.93
CA LYS A 198 -30.26 17.03 18.38
C LYS A 198 -30.86 17.90 19.49
N LYS A 199 -31.24 17.28 20.61
CA LYS A 199 -31.76 18.06 21.72
C LYS A 199 -30.64 18.64 22.57
N LEU A 200 -29.46 18.04 22.51
CA LEU A 200 -28.35 18.45 23.36
C LEU A 200 -27.28 19.24 22.61
N LYS A 201 -27.59 19.78 21.43
CA LYS A 201 -26.59 20.46 20.60
C LYS A 201 -25.87 21.56 21.37
N GLY A 202 -26.63 22.52 21.91
CA GLY A 202 -26.00 23.61 22.63
C GLY A 202 -25.23 23.14 23.85
N VAL A 203 -25.71 22.08 24.51
CA VAL A 203 -24.99 21.55 25.65
C VAL A 203 -23.62 21.04 25.25
N CYS A 204 -23.55 20.27 24.15
CA CYS A 204 -22.25 19.77 23.68
C CYS A 204 -21.37 20.92 23.20
N VAL A 205 -21.97 21.95 22.61
CA VAL A 205 -21.19 23.13 22.24
C VAL A 205 -20.55 23.76 23.48
N ARG A 206 -21.32 23.83 24.56
CA ARG A 206 -20.77 24.36 25.81
C ARG A 206 -19.66 23.47 26.35
N LEU A 207 -19.85 22.16 26.28
CA LEU A 207 -18.79 21.23 26.70
C LEU A 207 -17.52 21.48 25.89
N SER A 208 -17.67 21.68 24.58
CA SER A 208 -16.51 21.85 23.72
C SER A 208 -15.86 23.22 23.86
N MET A 209 -16.59 24.23 24.30
CA MET A 209 -16.06 25.59 24.33
C MET A 209 -15.61 26.02 25.73
N GLY A 210 -16.44 25.81 26.75
CA GLY A 210 -16.21 26.36 28.06
C GLY A 210 -14.92 25.96 28.74
N PRO A 211 -14.80 24.68 29.11
CA PRO A 211 -13.67 24.26 29.95
C PRO A 211 -12.30 24.56 29.36
N CYS A 212 -12.14 24.38 28.06
CA CYS A 212 -10.84 24.63 27.43
C CYS A 212 -10.48 26.10 27.45
N ILE A 213 -11.43 27.00 27.15
CA ILE A 213 -11.13 28.43 27.13
C ILE A 213 -10.77 28.92 28.53
N VAL A 214 -11.53 28.50 29.53
CA VAL A 214 -11.27 28.94 30.89
C VAL A 214 -9.95 28.35 31.40
N GLU A 215 -9.66 27.10 31.05
CA GLU A 215 -8.37 26.50 31.38
C GLU A 215 -7.24 27.28 30.73
N ALA A 216 -7.45 27.72 29.48
CA ALA A 216 -6.44 28.45 28.74
C ALA A 216 -6.14 29.78 29.39
N CYS A 217 -7.17 30.58 29.69
CA CYS A 217 -6.91 31.87 30.31
C CYS A 217 -6.40 31.69 31.73
N THR A 218 -6.78 30.59 32.39
CA THR A 218 -6.25 30.29 33.72
C THR A 218 -4.74 30.13 33.66
N SER A 219 -4.25 29.24 32.78
CA SER A 219 -2.80 29.10 32.63
C SER A 219 -2.15 30.39 32.16
N ALA A 220 -2.82 31.14 31.28
CA ALA A 220 -2.28 32.40 30.78
C ALA A 220 -2.01 33.37 31.91
N LEU A 221 -2.97 33.58 32.80
CA LEU A 221 -2.77 34.48 33.92
C LEU A 221 -1.86 33.90 34.99
N LEU A 222 -1.89 32.58 35.19
CA LEU A 222 -0.98 31.94 36.12
C LEU A 222 0.47 32.25 35.77
N ALA A 223 0.86 31.98 34.51
CA ALA A 223 2.21 32.31 34.11
C ALA A 223 2.40 33.79 33.87
N HIS A 224 1.31 34.53 33.60
CA HIS A 224 1.39 35.99 33.57
C HIS A 224 1.96 36.52 34.88
N TYR A 225 1.47 35.98 36.01
CA TYR A 225 1.99 36.39 37.30
C TYR A 225 3.35 35.76 37.58
N LEU A 226 3.41 34.43 37.54
CA LEU A 226 4.59 33.73 38.03
C LEU A 226 5.77 33.81 37.06
N LEU A 227 5.55 33.50 35.78
CA LEU A 227 6.60 33.50 34.79
C LEU A 227 6.65 34.79 33.98
N GLY A 228 5.77 35.75 34.29
CA GLY A 228 5.87 37.06 33.69
C GLY A 228 5.43 37.16 32.25
N LEU A 229 4.23 36.72 31.92
CA LEU A 229 3.74 36.84 30.56
C LEU A 229 3.12 38.22 30.39
N PRO A 230 3.39 38.94 29.30
CA PRO A 230 2.68 40.20 29.06
C PRO A 230 1.20 39.93 28.80
N TRP A 231 0.41 41.00 28.93
CA TRP A 231 -1.04 40.89 28.84
C TRP A 231 -1.51 40.51 27.45
N GLN A 232 -0.68 40.69 26.42
CA GLN A 232 -1.07 40.44 25.05
C GLN A 232 -0.33 39.25 24.45
N TRP A 233 0.33 38.45 25.29
CA TRP A 233 1.14 37.36 24.76
C TRP A 233 0.85 36.02 25.44
N GLY A 234 0.36 36.05 26.69
CA GLY A 234 0.00 34.81 27.36
C GLY A 234 -1.07 34.03 26.63
N PHE A 235 -1.72 34.65 25.66
CA PHE A 235 -2.70 33.95 24.84
C PHE A 235 -2.07 32.75 24.14
N ILE A 236 -0.78 32.81 23.82
CA ILE A 236 -0.11 31.66 23.21
C ILE A 236 -0.12 30.47 24.16
N LEU A 237 0.24 30.70 25.42
CA LEU A 237 0.14 29.65 26.42
C LEU A 237 -1.29 29.12 26.52
N GLY A 238 -2.27 30.01 26.44
CA GLY A 238 -3.65 29.57 26.41
C GLY A 238 -3.94 28.62 25.26
N PHE A 239 -3.52 28.99 24.05
CA PHE A 239 -3.81 28.17 22.88
C PHE A 239 -3.11 26.82 22.97
N VAL A 240 -1.85 26.80 23.39
CA VAL A 240 -1.13 25.52 23.48
C VAL A 240 -1.73 24.67 24.59
N LEU A 241 -2.44 25.28 25.55
CA LEU A 241 -3.12 24.47 26.54
C LEU A 241 -4.49 24.02 26.06
N GLY A 242 -5.10 24.79 25.15
CA GLY A 242 -6.44 24.45 24.67
C GLY A 242 -6.43 23.52 23.48
N ALA A 243 -6.71 22.24 23.72
CA ALA A 243 -6.78 21.24 22.66
C ALA A 243 -7.47 20.00 23.19
N VAL A 244 -7.60 18.98 22.33
CA VAL A 244 -8.19 17.70 22.71
C VAL A 244 -7.53 16.60 21.90
N SER A 245 -7.52 15.39 22.45
CA SER A 245 -6.95 14.23 21.75
C SER A 245 -7.98 13.10 21.68
N PRO A 246 -8.95 13.17 20.77
CA PRO A 246 -9.95 12.10 20.68
C PRO A 246 -9.38 10.76 20.24
N ALA A 247 -8.13 10.72 19.77
CA ALA A 247 -7.54 9.47 19.31
C ALA A 247 -7.53 8.42 20.42
N VAL A 248 -7.48 8.86 21.68
CA VAL A 248 -7.55 7.92 22.79
C VAL A 248 -8.97 7.84 23.33
N VAL A 249 -9.74 8.90 23.15
CA VAL A 249 -11.10 8.95 23.69
C VAL A 249 -12.03 8.00 22.95
N VAL A 250 -12.13 8.12 21.62
CA VAL A 250 -13.03 7.27 20.85
C VAL A 250 -12.85 5.79 21.16
N PRO A 251 -11.62 5.26 21.26
CA PRO A 251 -11.50 3.85 21.69
C PRO A 251 -12.20 3.57 23.01
N SER A 252 -12.01 4.43 24.01
CA SER A 252 -12.69 4.23 25.28
C SER A 252 -14.21 4.31 25.11
N MET A 253 -14.68 5.25 24.28
CA MET A 253 -16.12 5.35 24.05
C MET A 253 -16.68 4.09 23.41
N LEU A 254 -15.95 3.51 22.47
CA LEU A 254 -16.42 2.29 21.82
C LEU A 254 -16.35 1.09 22.74
N LEU A 255 -15.32 1.01 23.59
CA LEU A 255 -15.25 -0.07 24.57
C LEU A 255 -16.41 0.02 25.56
N LEU A 256 -16.73 1.22 26.03
CA LEU A 256 -17.86 1.38 26.94
C LEU A 256 -19.19 1.19 26.23
N GLN A 257 -19.26 1.53 24.94
CA GLN A 257 -20.44 1.19 24.15
C GLN A 257 -20.64 -0.32 24.12
N GLY A 258 -19.57 -1.06 23.87
CA GLY A 258 -19.63 -2.50 24.04
C GLY A 258 -20.07 -2.90 25.43
N GLY A 259 -19.64 -2.13 26.44
CA GLY A 259 -20.12 -2.31 27.79
C GLY A 259 -21.58 -1.93 27.96
N GLY A 260 -22.18 -1.25 26.99
CA GLY A 260 -23.59 -0.92 27.04
C GLY A 260 -24.01 -0.06 28.21
N TYR A 261 -23.07 0.65 28.83
CA TYR A 261 -23.38 1.42 30.03
C TYR A 261 -23.94 2.80 29.70
N GLY A 262 -23.12 3.64 29.07
CA GLY A 262 -23.55 4.99 28.77
C GLY A 262 -24.48 5.08 27.58
N VAL A 263 -24.39 4.12 26.66
CA VAL A 263 -25.19 4.16 25.45
C VAL A 263 -26.68 3.97 25.74
N GLU A 264 -27.04 3.61 26.98
CA GLU A 264 -28.43 3.63 27.38
C GLU A 264 -29.01 5.05 27.34
N LYS A 265 -28.15 6.06 27.26
CA LYS A 265 -28.54 7.43 26.99
C LYS A 265 -27.75 7.94 25.79
N GLY A 266 -26.94 7.07 25.20
CA GLY A 266 -26.12 7.44 24.06
C GLY A 266 -24.92 8.26 24.47
N VAL A 267 -24.69 8.36 25.79
CA VAL A 267 -23.66 9.21 26.40
C VAL A 267 -22.33 9.13 25.66
N PRO A 268 -21.70 7.95 25.51
CA PRO A 268 -20.35 7.93 24.95
C PRO A 268 -20.27 8.51 23.55
N THR A 269 -21.28 8.28 22.72
CA THR A 269 -21.32 8.87 21.39
C THR A 269 -21.43 10.39 21.46
N LEU A 270 -22.17 10.91 22.44
CA LEU A 270 -22.29 12.36 22.60
C LEU A 270 -20.98 12.98 23.07
N LEU A 271 -20.27 12.28 23.96
CA LEU A 271 -19.05 12.84 24.54
C LEU A 271 -17.96 13.02 23.49
N MET A 272 -17.63 11.96 22.77
CA MET A 272 -16.51 12.02 21.83
C MET A 272 -16.79 12.95 20.65
N ALA A 273 -18.05 13.30 20.41
CA ALA A 273 -18.38 14.18 19.30
C ALA A 273 -18.06 15.64 19.58
N ALA A 274 -17.59 15.95 20.80
CA ALA A 274 -17.41 17.35 21.19
C ALA A 274 -16.07 17.92 20.71
N GLY A 275 -15.05 17.09 20.54
CA GLY A 275 -13.73 17.60 20.21
C GLY A 275 -13.60 17.98 18.76
N SER A 276 -14.22 19.09 18.35
CA SER A 276 -14.24 19.48 16.95
C SER A 276 -13.60 20.85 16.70
N PHE A 277 -14.01 21.86 17.46
CA PHE A 277 -13.65 23.24 17.13
C PHE A 277 -12.68 23.88 18.10
N ASP A 278 -12.43 23.27 19.26
CA ASP A 278 -11.50 23.86 20.22
C ASP A 278 -10.14 24.10 19.61
N ASP A 279 -9.64 23.13 18.83
CA ASP A 279 -8.36 23.29 18.16
C ASP A 279 -8.41 24.45 17.17
N ILE A 280 -9.55 24.63 16.50
CA ILE A 280 -9.66 25.69 15.50
C ILE A 280 -9.62 27.06 16.18
N LEU A 281 -10.30 27.19 17.31
CA LEU A 281 -10.22 28.45 18.05
C LEU A 281 -8.81 28.69 18.56
N ALA A 282 -8.15 27.63 19.03
CA ALA A 282 -6.77 27.76 19.49
C ALA A 282 -5.87 28.26 18.37
N ILE A 283 -6.02 27.72 17.16
CA ILE A 283 -5.13 28.10 16.07
C ILE A 283 -5.52 29.46 15.47
N THR A 284 -6.80 29.83 15.53
CA THR A 284 -7.19 31.19 15.12
C THR A 284 -6.57 32.23 16.05
N GLY A 285 -6.73 32.01 17.36
CA GLY A 285 -6.04 32.86 18.31
C GLY A 285 -4.54 32.83 18.11
N PHE A 286 -4.00 31.68 17.71
CA PHE A 286 -2.57 31.59 17.44
C PHE A 286 -2.18 32.49 16.28
N ASN A 287 -2.97 32.48 15.21
CA ASN A 287 -2.73 33.37 14.08
C ASN A 287 -2.71 34.83 14.54
N THR A 288 -3.79 35.26 15.20
CA THR A 288 -3.88 36.67 15.56
C THR A 288 -2.85 37.07 16.61
N CYS A 289 -2.49 36.16 17.52
CA CYS A 289 -1.53 36.48 18.57
C CYS A 289 -0.12 36.52 18.03
N LEU A 290 0.21 35.66 17.07
CA LEU A 290 1.47 35.82 16.36
C LEU A 290 1.50 37.17 15.65
N GLY A 291 0.42 37.50 14.95
CA GLY A 291 0.35 38.78 14.27
C GLY A 291 0.47 39.98 15.18
N ILE A 292 0.09 39.82 16.46
CA ILE A 292 0.13 40.91 17.43
C ILE A 292 1.45 40.95 18.18
N ALA A 293 1.74 39.90 18.96
CA ALA A 293 2.98 39.87 19.74
C ALA A 293 4.18 39.60 18.85
N PHE A 294 4.12 38.54 18.05
CA PHE A 294 5.19 38.23 17.11
C PHE A 294 5.19 39.18 15.91
N SER A 295 4.23 40.09 15.84
CA SER A 295 4.12 41.09 14.78
C SER A 295 4.20 40.47 13.40
N THR A 296 3.52 39.35 13.19
CA THR A 296 3.59 38.63 11.92
C THR A 296 2.35 38.94 11.08
N GLY A 297 2.48 39.91 10.18
CA GLY A 297 1.42 40.19 9.23
C GLY A 297 0.21 40.87 9.86
N SER A 298 -0.87 40.89 9.06
CA SER A 298 -2.13 41.52 9.47
C SER A 298 -2.85 40.62 10.46
N THR A 299 -3.01 41.10 11.70
CA THR A 299 -3.67 40.29 12.72
C THR A 299 -5.17 40.18 12.46
N VAL A 300 -5.79 41.23 11.92
CA VAL A 300 -7.21 41.15 11.59
C VAL A 300 -7.42 40.15 10.46
N PHE A 301 -6.50 40.14 9.49
CA PHE A 301 -6.54 39.09 8.48
C PHE A 301 -6.17 37.73 9.05
N ASN A 302 -5.43 37.69 10.16
CA ASN A 302 -5.23 36.41 10.84
C ASN A 302 -6.53 35.88 11.43
N VAL A 303 -7.33 36.76 12.04
CA VAL A 303 -8.64 36.36 12.53
C VAL A 303 -9.53 35.93 11.38
N LEU A 304 -9.47 36.68 10.27
CA LEU A 304 -10.23 36.30 9.07
C LEU A 304 -9.81 34.91 8.58
N ARG A 305 -8.52 34.64 8.55
CA ARG A 305 -8.02 33.32 8.18
C ARG A 305 -8.53 32.24 9.11
N GLY A 306 -8.56 32.51 10.41
CA GLY A 306 -9.00 31.51 11.36
C GLY A 306 -10.50 31.27 11.31
N VAL A 307 -11.26 32.29 10.91
CA VAL A 307 -12.72 32.15 10.84
C VAL A 307 -13.13 31.47 9.53
N LEU A 308 -12.47 31.85 8.44
CA LEU A 308 -12.79 31.25 7.14
C LEU A 308 -12.50 29.75 7.13
N GLU A 309 -11.48 29.29 7.86
CA GLU A 309 -11.22 27.87 7.92
C GLU A 309 -12.29 27.13 8.71
N VAL A 310 -13.04 27.82 9.56
CA VAL A 310 -14.21 27.22 10.18
C VAL A 310 -15.34 27.13 9.16
N VAL A 311 -15.61 28.25 8.48
CA VAL A 311 -16.80 28.32 7.64
C VAL A 311 -16.68 27.37 6.45
N ILE A 312 -15.48 27.25 5.87
CA ILE A 312 -15.33 26.36 4.73
C ILE A 312 -15.35 24.90 5.18
N GLY A 313 -14.77 24.60 6.34
CA GLY A 313 -14.80 23.24 6.85
C GLY A 313 -16.20 22.78 7.21
N VAL A 314 -17.06 23.71 7.63
CA VAL A 314 -18.43 23.32 7.97
C VAL A 314 -19.33 23.39 6.73
N ALA A 315 -18.92 24.13 5.70
CA ALA A 315 -19.76 24.26 4.52
C ALA A 315 -19.52 23.14 3.51
N THR A 316 -18.25 22.91 3.14
CA THR A 316 -17.96 22.04 2.00
C THR A 316 -18.18 20.57 2.32
N GLY A 317 -18.24 20.20 3.59
CA GLY A 317 -18.39 18.80 3.94
C GLY A 317 -19.78 18.22 3.67
N SER A 318 -20.75 19.08 3.35
CA SER A 318 -22.13 18.62 3.23
C SER A 318 -22.37 17.91 1.90
N VAL A 319 -21.81 18.45 0.81
CA VAL A 319 -22.16 17.96 -0.52
C VAL A 319 -21.76 16.51 -0.74
N LEU A 320 -20.77 16.01 -0.02
CA LEU A 320 -20.39 14.60 -0.14
C LEU A 320 -21.52 13.70 0.35
N GLY A 321 -22.14 14.05 1.47
CA GLY A 321 -23.25 13.26 1.97
C GLY A 321 -24.46 13.31 1.06
N PHE A 322 -24.57 14.39 0.27
CA PHE A 322 -25.69 14.51 -0.66
C PHE A 322 -25.75 13.34 -1.64
N PHE A 323 -24.62 12.70 -1.91
CA PHE A 323 -24.61 11.51 -2.77
C PHE A 323 -24.42 10.23 -1.96
N ILE A 324 -23.36 10.17 -1.15
CA ILE A 324 -22.97 8.92 -0.52
C ILE A 324 -24.00 8.48 0.52
N GLN A 325 -24.76 9.42 1.09
CA GLN A 325 -25.88 9.03 1.92
C GLN A 325 -27.07 8.56 1.11
N TYR A 326 -27.16 8.95 -0.17
CA TYR A 326 -28.38 8.72 -0.93
C TYR A 326 -28.20 7.71 -2.06
N PHE A 327 -27.27 7.95 -2.98
CA PHE A 327 -27.22 7.06 -4.14
C PHE A 327 -25.87 6.42 -4.47
N PRO A 328 -25.14 5.84 -3.48
CA PRO A 328 -24.10 4.87 -3.85
C PRO A 328 -24.75 3.50 -4.07
N SER A 329 -25.19 3.26 -5.31
CA SER A 329 -26.15 2.22 -5.63
C SER A 329 -25.91 0.92 -4.89
N ARG A 330 -27.02 0.29 -4.47
CA ARG A 330 -26.96 -0.81 -3.50
C ARG A 330 -26.29 -2.05 -4.05
N ASP A 331 -26.58 -2.42 -5.29
CA ASP A 331 -26.16 -3.73 -5.81
C ASP A 331 -24.76 -3.66 -6.43
N GLN A 332 -23.95 -2.73 -5.95
CA GLN A 332 -22.54 -2.72 -6.29
C GLN A 332 -21.85 -3.86 -5.53
N ASP A 333 -20.93 -4.54 -6.22
CA ASP A 333 -20.33 -5.76 -5.68
C ASP A 333 -19.57 -5.48 -4.38
N LYS A 334 -18.56 -4.60 -4.44
CA LYS A 334 -17.74 -4.29 -3.28
C LYS A 334 -18.20 -3.00 -2.62
N LEU A 335 -19.52 -2.77 -2.62
CA LEU A 335 -20.07 -1.48 -2.18
C LEU A 335 -19.47 -1.02 -0.86
N VAL A 336 -19.49 -1.88 0.15
CA VAL A 336 -18.88 -1.51 1.43
C VAL A 336 -17.36 -1.46 1.30
N CYS A 337 -16.77 -2.48 0.66
CA CYS A 337 -15.34 -2.53 0.46
C CYS A 337 -14.84 -1.34 -0.36
N LYS A 338 -15.69 -0.77 -1.21
CA LYS A 338 -15.36 0.47 -1.91
C LYS A 338 -15.51 1.66 -0.98
N ARG A 339 -16.72 1.86 -0.44
CA ARG A 339 -17.05 3.00 0.40
C ARG A 339 -16.01 3.25 1.48
N THR A 340 -15.48 2.17 2.07
CA THR A 340 -14.50 2.34 3.14
C THR A 340 -13.31 3.18 2.69
N PHE A 341 -12.52 2.66 1.75
CA PHE A 341 -11.35 3.40 1.31
C PHE A 341 -11.75 4.67 0.57
N LEU A 342 -12.96 4.72 0.00
CA LEU A 342 -13.44 5.95 -0.60
C LEU A 342 -13.49 7.07 0.43
N VAL A 343 -14.15 6.84 1.55
CA VAL A 343 -14.29 7.89 2.56
C VAL A 343 -12.96 8.16 3.24
N LEU A 344 -12.10 7.13 3.38
CA LEU A 344 -10.76 7.40 3.89
C LEU A 344 -10.00 8.35 2.97
N GLY A 345 -10.11 8.12 1.66
CA GLY A 345 -9.46 9.00 0.70
C GLY A 345 -10.02 10.41 0.75
N LEU A 346 -11.35 10.54 0.85
CA LEU A 346 -11.93 11.87 0.96
C LEU A 346 -11.47 12.57 2.24
N SER A 347 -11.33 11.83 3.33
CA SER A 347 -10.86 12.41 4.58
C SER A 347 -9.44 12.96 4.43
N VAL A 348 -8.51 12.12 4.00
CA VAL A 348 -7.13 12.56 3.87
C VAL A 348 -7.02 13.64 2.81
N LEU A 349 -7.89 13.60 1.80
CA LEU A 349 -7.93 14.63 0.78
C LEU A 349 -8.30 15.98 1.38
N ALA A 350 -9.38 16.01 2.15
CA ALA A 350 -9.74 17.23 2.85
C ALA A 350 -8.59 17.73 3.71
N VAL A 351 -8.01 16.84 4.50
CA VAL A 351 -6.91 17.18 5.40
C VAL A 351 -5.80 17.88 4.63
N PHE A 352 -5.24 17.20 3.63
CA PHE A 352 -4.05 17.71 2.98
C PHE A 352 -4.32 18.81 1.97
N SER A 353 -5.51 18.85 1.36
CA SER A 353 -5.85 19.99 0.52
C SER A 353 -5.99 21.25 1.37
N SER A 354 -6.64 21.15 2.53
CA SER A 354 -6.70 22.27 3.45
C SER A 354 -5.32 22.66 3.96
N VAL A 355 -4.44 21.68 4.19
CA VAL A 355 -3.06 21.97 4.57
C VAL A 355 -2.37 22.77 3.47
N HIS A 356 -2.50 22.31 2.22
CA HIS A 356 -1.93 23.04 1.10
C HIS A 356 -2.49 24.45 0.99
N PHE A 357 -3.79 24.60 1.26
CA PHE A 357 -4.39 25.93 1.25
C PHE A 357 -3.99 26.72 2.48
N GLY A 358 -3.58 26.05 3.55
CA GLY A 358 -3.20 26.72 4.78
C GLY A 358 -4.27 26.74 5.85
N PHE A 359 -5.27 25.87 5.75
CA PHE A 359 -6.36 25.84 6.72
C PHE A 359 -6.57 24.41 7.24
N PRO A 360 -5.58 23.85 7.94
CA PRO A 360 -5.64 22.43 8.29
C PRO A 360 -6.83 22.04 9.15
N GLY A 361 -7.42 22.99 9.87
CA GLY A 361 -8.57 22.66 10.71
C GLY A 361 -9.82 22.34 9.91
N SER A 362 -9.89 22.84 8.67
CA SER A 362 -11.07 22.61 7.85
C SER A 362 -11.26 21.15 7.48
N GLY A 363 -10.16 20.41 7.38
CA GLY A 363 -10.22 19.01 6.98
C GLY A 363 -11.05 18.14 7.89
N GLY A 364 -10.80 18.22 9.19
CA GLY A 364 -11.52 17.36 10.13
C GLY A 364 -13.01 17.62 10.12
N LEU A 365 -13.43 18.86 9.90
CA LEU A 365 -14.84 19.19 9.90
C LEU A 365 -15.57 18.52 8.75
N CYS A 366 -15.10 18.78 7.51
CA CYS A 366 -15.68 18.12 6.35
C CYS A 366 -15.61 16.61 6.49
N THR A 367 -14.50 16.09 7.00
CA THR A 367 -14.36 14.65 7.21
C THR A 367 -15.45 14.11 8.11
N LEU A 368 -15.65 14.75 9.27
CA LEU A 368 -16.63 14.26 10.23
C LEU A 368 -18.06 14.37 9.72
N VAL A 369 -18.42 15.50 9.11
CA VAL A 369 -19.80 15.65 8.65
C VAL A 369 -20.07 14.68 7.51
N MET A 370 -19.09 14.47 6.64
CA MET A 370 -19.25 13.51 5.55
C MET A 370 -19.39 12.09 6.10
N ALA A 371 -18.59 11.76 7.12
CA ALA A 371 -18.64 10.42 7.70
C ALA A 371 -19.98 10.17 8.38
N PHE A 372 -20.51 11.17 9.06
CA PHE A 372 -21.81 11.01 9.71
C PHE A 372 -22.93 10.94 8.68
N LEU A 373 -22.85 11.79 7.65
CA LEU A 373 -23.91 11.80 6.64
C LEU A 373 -24.07 10.46 5.95
N ALA A 374 -22.96 9.92 5.42
CA ALA A 374 -23.03 8.60 4.79
C ALA A 374 -23.44 7.54 5.78
N GLY A 375 -22.91 7.62 7.01
CA GLY A 375 -23.30 6.67 8.04
C GLY A 375 -24.80 6.66 8.28
N MET A 376 -25.42 7.84 8.26
CA MET A 376 -26.87 7.92 8.34
C MET A 376 -27.51 7.17 7.18
N GLY A 377 -26.97 7.33 5.97
CA GLY A 377 -27.46 6.54 4.85
C GLY A 377 -27.03 5.09 4.93
N TRP A 378 -25.83 4.84 5.45
CA TRP A 378 -25.36 3.47 5.57
C TRP A 378 -25.94 2.78 6.79
N THR A 379 -26.89 3.43 7.48
CA THR A 379 -27.38 3.00 8.79
C THR A 379 -27.53 1.49 8.91
N SER A 380 -28.01 0.84 7.85
CA SER A 380 -28.01 -0.61 7.81
C SER A 380 -26.60 -1.16 7.64
N GLU A 381 -25.91 -0.74 6.59
CA GLU A 381 -24.61 -1.31 6.26
C GLU A 381 -23.46 -0.61 6.98
N LYS A 382 -23.72 0.52 7.63
CA LYS A 382 -22.66 1.19 8.38
C LYS A 382 -22.12 0.31 9.49
N ALA A 383 -22.93 -0.65 9.96
CA ALA A 383 -22.47 -1.62 10.94
C ALA A 383 -21.51 -2.63 10.36
N GLU A 384 -21.22 -2.56 9.06
CA GLU A 384 -20.31 -3.48 8.40
C GLU A 384 -19.05 -2.81 7.88
N VAL A 385 -19.16 -1.58 7.37
CA VAL A 385 -17.97 -0.84 6.97
C VAL A 385 -17.06 -0.61 8.17
N GLU A 386 -17.66 -0.56 9.37
CA GLU A 386 -16.90 -0.30 10.59
C GLU A 386 -15.84 -1.37 10.84
N LYS A 387 -16.08 -2.59 10.37
CA LYS A 387 -15.18 -3.69 10.68
C LYS A 387 -13.83 -3.52 9.98
N ILE A 388 -13.86 -3.10 8.71
CA ILE A 388 -12.62 -2.87 7.98
C ILE A 388 -11.83 -1.73 8.62
N ILE A 389 -12.53 -0.65 9.00
CA ILE A 389 -11.85 0.47 9.64
C ILE A 389 -11.25 0.03 10.98
N ALA A 390 -11.95 -0.87 11.69
CA ALA A 390 -11.45 -1.34 12.97
C ALA A 390 -10.20 -2.19 12.78
N VAL A 391 -10.25 -3.14 11.85
CA VAL A 391 -9.10 -4.03 11.66
C VAL A 391 -7.91 -3.25 11.10
N ALA A 392 -8.16 -2.16 10.38
CA ALA A 392 -7.05 -1.35 9.89
C ALA A 392 -6.48 -0.47 11.00
N TRP A 393 -7.36 0.09 11.83
CA TRP A 393 -6.95 1.09 12.81
C TRP A 393 -5.98 0.54 13.84
N ASP A 394 -5.91 -0.78 13.98
CA ASP A 394 -5.03 -1.40 14.97
C ASP A 394 -3.57 -0.98 14.78
N ILE A 395 -3.14 -0.81 13.53
CA ILE A 395 -1.73 -0.60 13.23
C ILE A 395 -1.35 0.87 13.17
N PHE A 396 -2.30 1.78 13.05
CA PHE A 396 -1.94 3.19 12.89
C PHE A 396 -1.90 3.93 14.22
N GLN A 397 -2.43 3.33 15.28
CA GLN A 397 -2.25 3.90 16.60
C GLN A 397 -0.80 3.94 17.04
N PRO A 398 -0.05 2.82 17.09
CA PRO A 398 1.27 2.85 17.72
C PRO A 398 2.29 3.65 16.95
N LEU A 399 2.24 3.64 15.62
CA LEU A 399 3.16 4.48 14.85
C LEU A 399 2.93 5.95 15.16
N LEU A 400 1.67 6.37 15.26
CA LEU A 400 1.36 7.75 15.60
C LEU A 400 1.87 8.09 17.00
N PHE A 401 1.64 7.18 17.94
CA PHE A 401 2.04 7.45 19.33
C PHE A 401 3.55 7.53 19.45
N GLY A 402 4.27 6.67 18.74
CA GLY A 402 5.72 6.75 18.75
C GLY A 402 6.25 7.99 18.08
N LEU A 403 5.63 8.39 16.96
CA LEU A 403 6.02 9.63 16.30
C LEU A 403 5.83 10.82 17.21
N ILE A 404 4.72 10.86 17.95
CA ILE A 404 4.50 11.94 18.90
C ILE A 404 5.50 11.84 20.05
N GLY A 405 5.88 10.62 20.43
CA GLY A 405 6.83 10.47 21.52
C GLY A 405 8.24 10.83 21.11
N ALA A 406 8.63 10.48 19.89
CA ALA A 406 9.99 10.72 19.41
C ALA A 406 10.22 12.17 19.03
N GLU A 407 10.10 13.09 19.98
CA GLU A 407 10.25 14.52 19.68
C GLU A 407 11.43 15.18 20.36
N VAL A 408 11.50 15.12 21.69
CA VAL A 408 12.49 15.89 22.45
C VAL A 408 12.76 15.18 23.77
N SER A 409 13.79 15.66 24.48
CA SER A 409 14.17 15.10 25.78
C SER A 409 14.12 16.20 26.84
N ILE A 410 14.13 15.77 28.11
CA ILE A 410 13.97 16.71 29.22
C ILE A 410 15.16 17.64 29.36
N ALA A 411 16.37 17.11 29.27
CA ALA A 411 17.57 17.93 29.52
C ALA A 411 17.68 19.09 28.55
N SER A 412 17.10 18.97 27.35
CA SER A 412 17.15 20.08 26.40
C SER A 412 16.20 21.20 26.81
N LEU A 413 15.14 20.89 27.52
CA LEU A 413 14.19 21.92 27.93
C LEU A 413 14.72 22.65 29.16
N ARG A 414 14.78 21.93 30.28
CA ARG A 414 15.40 22.37 31.53
C ARG A 414 15.53 21.17 32.46
N PRO A 415 16.71 20.90 33.00
CA PRO A 415 16.80 19.90 34.08
C PRO A 415 16.28 20.42 35.39
N GLU A 416 16.32 21.73 35.60
CA GLU A 416 15.90 22.36 36.85
C GLU A 416 14.69 23.26 36.60
N THR A 417 14.13 23.77 37.70
CA THR A 417 12.88 24.54 37.73
C THR A 417 11.68 23.73 37.26
N VAL A 418 11.84 22.40 37.16
CA VAL A 418 10.72 21.55 36.74
C VAL A 418 9.63 21.57 37.80
N GLY A 419 9.98 21.22 39.03
CA GLY A 419 9.01 21.18 40.11
C GLY A 419 8.48 22.54 40.53
N LEU A 420 8.96 23.62 39.91
CA LEU A 420 8.51 24.97 40.23
C LEU A 420 7.91 25.69 39.03
N CYS A 421 7.61 24.97 37.95
CA CYS A 421 6.98 25.57 36.78
C CYS A 421 5.80 24.75 36.27
N VAL A 422 5.60 23.54 36.79
CA VAL A 422 4.53 22.68 36.30
C VAL A 422 3.16 23.19 36.76
N ALA A 423 3.15 23.98 37.84
CA ALA A 423 1.89 24.39 38.46
C ALA A 423 0.94 25.08 37.49
N THR A 424 1.45 25.88 36.56
CA THR A 424 0.57 26.66 35.68
C THR A 424 -0.31 25.76 34.83
N VAL A 425 0.15 24.55 34.54
CA VAL A 425 -0.68 23.58 33.83
C VAL A 425 -1.36 22.62 34.79
N GLY A 426 -0.68 22.29 35.90
CA GLY A 426 -1.24 21.37 36.86
C GLY A 426 -2.53 21.85 37.47
N ILE A 427 -2.63 23.14 37.77
CA ILE A 427 -3.89 23.70 38.25
C ILE A 427 -4.92 23.74 37.13
N ALA A 428 -4.49 24.09 35.92
CA ALA A 428 -5.40 24.17 34.78
C ALA A 428 -6.09 22.84 34.51
N VAL A 429 -5.38 21.73 34.73
CA VAL A 429 -5.97 20.39 34.62
C VAL A 429 -7.23 20.33 35.48
N LEU A 430 -7.11 20.77 36.73
CA LEU A 430 -8.26 20.77 37.62
C LEU A 430 -9.31 21.80 37.21
N ILE A 431 -8.88 22.94 36.65
CA ILE A 431 -9.84 23.95 36.20
C ILE A 431 -10.78 23.38 35.14
N ARG A 432 -10.24 22.60 34.21
CA ARG A 432 -11.07 22.01 33.16
C ARG A 432 -12.18 21.13 33.73
N ILE A 433 -11.89 20.39 34.80
CA ILE A 433 -12.77 19.34 35.30
C ILE A 433 -14.12 19.88 35.72
N LEU A 434 -14.14 20.76 36.72
CA LEU A 434 -15.41 21.25 37.23
C LEU A 434 -16.07 22.26 36.32
N THR A 435 -15.32 22.92 35.45
CA THR A 435 -15.96 23.73 34.41
C THR A 435 -16.74 22.86 33.44
N THR A 436 -16.24 21.65 33.17
CA THR A 436 -17.03 20.70 32.41
C THR A 436 -18.35 20.37 33.12
N PHE A 437 -18.29 20.19 34.44
CA PHE A 437 -19.51 20.02 35.22
C PHE A 437 -20.44 21.22 35.10
N LEU A 438 -19.86 22.42 35.09
CA LEU A 438 -20.67 23.64 35.05
C LEU A 438 -21.31 23.83 33.68
N MET A 439 -20.71 23.27 32.63
CA MET A 439 -21.28 23.42 31.29
C MET A 439 -22.70 22.86 31.21
N VAL A 440 -23.02 21.88 32.04
CA VAL A 440 -24.37 21.32 32.10
C VAL A 440 -25.20 22.20 33.02
N CYS A 441 -25.83 23.23 32.45
CA CYS A 441 -26.55 24.21 33.28
C CYS A 441 -27.78 23.60 33.93
N PHE A 442 -28.71 23.09 33.12
CA PHE A 442 -29.99 22.61 33.64
C PHE A 442 -30.32 21.22 33.11
N ALA A 443 -29.49 20.68 32.22
CA ALA A 443 -29.74 19.34 31.69
C ALA A 443 -29.66 18.31 32.80
N GLY A 444 -30.40 17.21 32.64
CA GLY A 444 -30.54 16.23 33.68
C GLY A 444 -29.45 15.18 33.73
N PHE A 445 -28.51 15.35 34.66
CA PHE A 445 -27.47 14.37 34.92
C PHE A 445 -27.11 14.40 36.39
N ASN A 446 -27.17 13.24 37.04
CA ASN A 446 -26.87 13.17 38.45
C ASN A 446 -25.37 13.39 38.69
N LEU A 447 -24.99 13.46 39.97
CA LEU A 447 -23.61 13.68 40.34
C LEU A 447 -22.68 12.67 39.68
N LYS A 448 -23.11 11.41 39.61
CA LYS A 448 -22.31 10.39 38.94
C LYS A 448 -22.18 10.68 37.46
N GLU A 449 -23.29 10.98 36.79
CA GLU A 449 -23.26 11.28 35.36
C GLU A 449 -22.45 12.54 35.08
N LYS A 450 -22.65 13.58 35.89
CA LYS A 450 -21.93 14.83 35.65
C LYS A 450 -20.44 14.68 35.90
N ILE A 451 -20.04 13.93 36.93
CA ILE A 451 -18.61 13.74 37.19
C ILE A 451 -18.01 12.82 36.13
N PHE A 452 -18.81 11.91 35.58
CA PHE A 452 -18.35 11.10 34.46
C PHE A 452 -18.08 11.96 33.24
N ILE A 453 -19.01 12.88 32.94
CA ILE A 453 -18.79 13.82 31.85
C ILE A 453 -17.55 14.66 32.10
N SER A 454 -17.39 15.13 33.34
CA SER A 454 -16.20 15.91 33.68
C SER A 454 -14.93 15.12 33.46
N PHE A 455 -14.94 13.82 33.78
CA PHE A 455 -13.75 13.00 33.58
C PHE A 455 -13.45 12.79 32.10
N ALA A 456 -14.42 13.07 31.23
CA ALA A 456 -14.26 12.71 29.82
C ALA A 456 -13.47 13.77 29.05
N TRP A 457 -13.75 15.05 29.30
CA TRP A 457 -13.21 16.12 28.48
C TRP A 457 -11.74 16.41 28.74
N LEU A 458 -11.08 15.62 29.57
CA LEU A 458 -9.73 15.92 30.06
C LEU A 458 -8.61 15.67 29.05
N PRO A 459 -8.52 14.52 28.39
CA PRO A 459 -7.33 14.20 27.59
C PRO A 459 -6.99 15.24 26.54
N LYS A 460 -5.73 15.67 26.54
CA LYS A 460 -5.19 16.59 25.53
C LYS A 460 -3.75 16.19 25.22
N ALA A 461 -3.52 15.62 24.04
CA ALA A 461 -2.18 15.20 23.67
C ALA A 461 -1.80 15.56 22.24
N THR A 462 -2.78 15.74 21.37
CA THR A 462 -2.51 15.78 19.93
C THR A 462 -1.98 17.12 19.46
N VAL A 463 -2.78 18.18 19.62
CA VAL A 463 -2.40 19.48 19.07
C VAL A 463 -1.23 20.09 19.83
N GLN A 464 -1.07 19.78 21.12
CA GLN A 464 0.10 20.23 21.87
C GLN A 464 1.38 19.79 21.18
N ALA A 465 1.37 18.58 20.60
CA ALA A 465 2.50 18.14 19.80
C ALA A 465 2.46 18.74 18.40
N ALA A 466 1.26 18.99 17.89
CA ALA A 466 1.13 19.52 16.53
C ALA A 466 1.77 20.89 16.38
N ILE A 467 1.48 21.82 17.29
CA ILE A 467 2.00 23.18 17.18
C ILE A 467 2.78 23.63 18.40
N GLY A 468 3.42 22.70 19.11
CA GLY A 468 4.15 23.08 20.31
C GLY A 468 5.39 23.90 20.02
N SER A 469 6.36 23.32 19.32
CA SER A 469 7.64 24.00 19.11
C SER A 469 7.56 25.02 17.99
N VAL A 470 6.42 25.12 17.29
CA VAL A 470 6.33 26.03 16.16
C VAL A 470 6.51 27.48 16.58
N ALA A 471 6.21 27.79 17.84
CA ALA A 471 6.41 29.16 18.33
C ALA A 471 7.89 29.48 18.46
N LEU A 472 8.66 28.56 19.04
CA LEU A 472 10.10 28.76 19.15
C LEU A 472 10.74 28.78 17.76
N ASP A 473 10.27 27.92 16.86
CA ASP A 473 10.76 27.93 15.50
C ASP A 473 10.48 29.27 14.82
N THR A 474 9.29 29.82 15.05
CA THR A 474 8.96 31.13 14.50
C THR A 474 9.86 32.21 15.08
N ALA A 475 10.12 32.14 16.38
CA ALA A 475 11.01 33.10 17.03
C ALA A 475 12.41 33.05 16.44
N ARG A 476 12.89 31.84 16.12
CA ARG A 476 14.19 31.72 15.47
C ARG A 476 14.15 32.27 14.05
N SER A 477 13.11 31.93 13.29
CA SER A 477 13.04 32.35 11.89
C SER A 477 12.95 33.87 11.78
N HIS A 478 12.21 34.51 12.68
CA HIS A 478 12.06 35.95 12.64
C HIS A 478 13.17 36.70 13.38
N GLY A 479 14.00 35.98 14.14
CA GLY A 479 15.10 36.61 14.83
C GLY A 479 14.70 37.48 15.99
N GLU A 480 14.06 36.90 17.00
CA GLU A 480 13.61 37.62 18.18
C GLU A 480 14.09 36.86 19.42
N LYS A 481 15.23 37.28 19.97
CA LYS A 481 15.86 36.54 21.07
C LYS A 481 14.97 36.49 22.30
N GLN A 482 14.30 37.59 22.63
CA GLN A 482 13.35 37.55 23.73
C GLN A 482 12.21 36.58 23.41
N LEU A 483 11.72 36.61 22.17
CA LEU A 483 10.75 35.62 21.73
C LEU A 483 11.37 34.24 21.64
N GLU A 484 12.69 34.13 21.51
CA GLU A 484 13.32 32.80 21.49
C GLU A 484 13.40 32.19 22.89
N ASP A 485 13.69 33.00 23.92
CA ASP A 485 13.56 32.49 25.28
C ASP A 485 12.10 32.18 25.60
N TYR A 486 11.19 33.06 25.17
CA TYR A 486 9.78 32.76 25.21
C TYR A 486 9.47 31.42 24.54
N GLY A 487 10.16 31.14 23.43
CA GLY A 487 9.86 29.94 22.68
C GLY A 487 10.38 28.68 23.34
N MET A 488 11.56 28.77 23.95
CA MET A 488 12.04 27.61 24.70
C MET A 488 11.11 27.32 25.88
N ASP A 489 10.60 28.37 26.53
CA ASP A 489 9.68 28.15 27.64
C ASP A 489 8.34 27.58 27.18
N VAL A 490 7.80 28.07 26.06
CA VAL A 490 6.54 27.55 25.59
C VAL A 490 6.71 26.15 25.01
N LEU A 491 7.89 25.85 24.46
CA LEU A 491 8.21 24.49 24.08
C LEU A 491 8.22 23.57 25.29
N THR A 492 8.83 24.04 26.38
CA THR A 492 8.82 23.29 27.64
C THR A 492 7.39 22.98 28.06
N VAL A 493 6.56 24.01 28.21
CA VAL A 493 5.20 23.79 28.73
C VAL A 493 4.38 22.97 27.75
N ALA A 494 4.65 23.12 26.45
CA ALA A 494 3.94 22.33 25.44
C ALA A 494 4.25 20.85 25.61
N PHE A 495 5.54 20.51 25.71
CA PHE A 495 5.91 19.12 25.87
C PHE A 495 5.47 18.57 27.23
N LEU A 496 5.32 19.44 28.23
CA LEU A 496 4.75 18.97 29.49
C LEU A 496 3.27 18.66 29.34
N SER A 497 2.57 19.38 28.47
CA SER A 497 1.13 19.24 28.33
C SER A 497 0.72 18.00 27.53
N ILE A 498 1.64 17.08 27.28
CA ILE A 498 1.33 15.89 26.48
C ILE A 498 1.59 14.61 27.27
N LEU A 499 2.68 14.60 28.05
CA LEU A 499 3.29 13.36 28.53
C LEU A 499 2.40 12.48 29.38
N ILE A 500 1.44 13.06 30.12
CA ILE A 500 0.66 12.26 31.04
C ILE A 500 -0.83 12.57 30.92
N THR A 501 -1.17 13.62 30.18
CA THR A 501 -2.54 14.13 30.20
C THR A 501 -3.54 13.10 29.72
N ALA A 502 -3.42 12.66 28.46
CA ALA A 502 -4.45 11.81 27.87
C ALA A 502 -4.49 10.41 28.46
N PRO A 503 -3.38 9.66 28.55
CA PRO A 503 -3.51 8.24 28.92
C PRO A 503 -3.95 8.02 30.35
N ILE A 504 -3.46 8.83 31.29
CA ILE A 504 -3.90 8.68 32.67
C ILE A 504 -5.35 9.14 32.80
N GLY A 505 -5.81 9.98 31.88
CA GLY A 505 -7.21 10.38 31.89
C GLY A 505 -8.13 9.32 31.32
N SER A 506 -7.64 8.53 30.36
CA SER A 506 -8.45 7.46 29.78
C SER A 506 -8.34 6.16 30.55
N LEU A 507 -7.32 6.02 31.40
CA LEU A 507 -7.15 4.81 32.21
C LEU A 507 -8.39 4.52 33.05
N LEU A 508 -9.05 5.58 33.53
CA LEU A 508 -10.10 5.41 34.53
C LEU A 508 -11.45 5.07 33.91
N ILE A 509 -11.64 5.39 32.62
CA ILE A 509 -12.96 5.30 32.00
C ILE A 509 -13.52 3.89 32.11
N GLY A 510 -12.68 2.88 31.83
CA GLY A 510 -13.13 1.51 31.82
C GLY A 510 -13.72 1.02 33.13
N LEU A 511 -13.47 1.74 34.22
CA LEU A 511 -14.04 1.41 35.51
C LEU A 511 -15.08 2.43 35.97
N LEU A 512 -14.90 3.70 35.63
CA LEU A 512 -15.89 4.71 35.97
C LEU A 512 -17.20 4.48 35.23
N GLY A 513 -17.14 3.84 34.06
CA GLY A 513 -18.34 3.42 33.37
C GLY A 513 -19.24 2.58 34.24
N PRO A 514 -18.72 1.43 34.69
CA PRO A 514 -19.50 0.61 35.65
C PRO A 514 -19.86 1.35 36.93
N ARG A 515 -19.01 2.26 37.40
CA ARG A 515 -19.25 2.91 38.69
C ARG A 515 -20.40 3.90 38.60
N LEU A 516 -20.48 4.65 37.50
CA LEU A 516 -21.42 5.76 37.41
C LEU A 516 -22.55 5.55 36.40
N LEU A 517 -22.40 4.63 35.46
CA LEU A 517 -23.40 4.40 34.44
C LEU A 517 -24.16 3.11 34.73
N GLN A 518 -25.23 2.88 33.97
CA GLN A 518 -26.10 1.73 34.18
C GLN A 518 -26.06 0.81 32.97
N LYS A 519 -26.27 -0.48 33.22
CA LYS A 519 -26.23 -1.47 32.15
C LYS A 519 -27.42 -2.41 32.27
N VAL A 520 -27.90 -2.88 31.11
CA VAL A 520 -29.03 -3.81 31.08
C VAL A 520 -28.58 -5.18 31.60
N GLU A 521 -29.54 -5.94 32.09
CA GLU A 521 -29.28 -7.29 32.58
C GLU A 521 -28.89 -8.22 31.44
N PRO B 63 -27.33 7.58 -43.34
CA PRO B 63 -28.75 7.84 -43.51
C PRO B 63 -29.56 7.18 -42.39
N THR B 64 -29.50 5.85 -42.32
CA THR B 64 -30.23 5.11 -41.30
C THR B 64 -29.58 5.23 -39.92
N GLU B 65 -28.39 5.82 -39.83
CA GLU B 65 -27.74 5.99 -38.55
C GLU B 65 -28.55 6.89 -37.63
N ALA B 66 -29.24 7.89 -38.19
CA ALA B 66 -30.08 8.76 -37.37
C ALA B 66 -31.25 8.00 -36.79
N ASN B 67 -31.90 7.16 -37.60
CA ASN B 67 -32.99 6.34 -37.09
C ASN B 67 -32.49 5.34 -36.05
N HIS B 68 -31.29 4.79 -36.25
CA HIS B 68 -30.72 3.86 -35.27
C HIS B 68 -30.45 4.58 -33.95
N VAL B 69 -29.92 5.80 -34.01
CA VAL B 69 -29.67 6.56 -32.80
C VAL B 69 -30.97 6.93 -32.10
N GLN B 70 -32.00 7.27 -32.87
CA GLN B 70 -33.30 7.55 -32.28
C GLN B 70 -33.89 6.32 -31.61
N ARG B 71 -33.73 5.15 -32.22
CA ARG B 71 -34.21 3.91 -31.62
C ARG B 71 -33.44 3.59 -30.34
N LEU B 72 -32.12 3.82 -30.34
CA LEU B 72 -31.35 3.62 -29.12
C LEU B 72 -31.77 4.59 -28.02
N ARG B 73 -32.05 5.84 -28.38
CA ARG B 73 -32.55 6.80 -27.40
C ARG B 73 -33.91 6.39 -26.87
N GLN B 74 -34.76 5.80 -27.73
CA GLN B 74 -36.05 5.31 -27.26
C GLN B 74 -35.89 4.12 -26.32
N MET B 75 -34.92 3.24 -26.62
CA MET B 75 -34.65 2.11 -25.73
C MET B 75 -34.10 2.57 -24.39
N LEU B 76 -33.32 3.66 -24.39
CA LEU B 76 -32.83 4.24 -23.15
C LEU B 76 -33.87 5.12 -22.46
N ALA B 77 -34.96 5.47 -23.14
CA ALA B 77 -36.02 6.26 -22.51
C ALA B 77 -36.64 5.51 -21.34
N CYS B 78 -36.80 4.19 -21.46
CA CYS B 78 -37.09 3.37 -20.30
C CYS B 78 -35.82 3.32 -19.47
N PRO B 79 -35.77 4.05 -18.35
CA PRO B 79 -34.48 4.40 -17.75
C PRO B 79 -33.78 3.18 -17.17
N PRO B 80 -32.60 2.83 -17.71
CA PRO B 80 -31.73 1.84 -17.06
C PRO B 80 -30.85 2.52 -16.02
N HIS B 81 -31.48 3.25 -15.11
CA HIS B 81 -30.75 4.11 -14.18
C HIS B 81 -29.78 3.33 -13.31
N GLY B 82 -30.02 2.04 -13.10
CA GLY B 82 -29.11 1.24 -12.30
C GLY B 82 -27.73 1.16 -12.89
N LEU B 83 -27.60 0.48 -14.03
CA LEU B 83 -26.30 0.32 -14.67
C LEU B 83 -25.69 1.68 -15.00
N LEU B 84 -26.54 2.65 -15.36
CA LEU B 84 -26.05 3.99 -15.66
C LEU B 84 -25.37 4.60 -14.45
N ASP B 85 -26.02 4.54 -13.29
CA ASP B 85 -25.42 5.06 -12.06
C ASP B 85 -24.15 4.29 -11.71
N ARG B 86 -24.15 2.97 -11.93
CA ARG B 86 -22.95 2.19 -11.66
C ARG B 86 -21.77 2.70 -12.48
N VAL B 87 -21.98 2.85 -13.79
CA VAL B 87 -20.90 3.30 -14.67
C VAL B 87 -20.49 4.73 -14.34
N ILE B 88 -21.46 5.57 -13.95
CA ILE B 88 -21.14 6.95 -13.59
C ILE B 88 -20.26 6.99 -12.36
N THR B 89 -20.62 6.23 -11.33
CA THR B 89 -19.78 6.15 -10.13
C THR B 89 -18.39 5.62 -10.48
N ASN B 90 -18.34 4.61 -11.35
CA ASN B 90 -17.07 4.04 -11.77
C ASN B 90 -16.17 5.10 -12.39
N VAL B 91 -16.69 5.82 -13.39
CA VAL B 91 -15.88 6.82 -14.08
C VAL B 91 -15.64 8.05 -13.22
N THR B 92 -16.39 8.21 -12.13
CA THR B 92 -16.25 9.40 -11.31
C THR B 92 -15.23 9.21 -10.19
N ILE B 93 -15.08 7.98 -9.69
CA ILE B 93 -14.24 7.73 -8.53
C ILE B 93 -12.78 8.04 -8.83
N ILE B 94 -12.39 7.93 -10.10
CA ILE B 94 -11.00 7.76 -10.52
C ILE B 94 -10.02 8.66 -9.78
N VAL B 95 -10.31 9.96 -9.72
CA VAL B 95 -9.28 10.95 -9.44
C VAL B 95 -8.91 11.00 -7.97
N LEU B 96 -9.47 10.10 -7.15
CA LEU B 96 -9.29 10.16 -5.71
C LEU B 96 -7.80 10.08 -5.32
N LEU B 97 -7.13 8.99 -5.69
CA LEU B 97 -5.74 8.84 -5.30
C LEU B 97 -4.83 9.83 -6.02
N TRP B 98 -5.23 10.25 -7.24
CA TRP B 98 -4.50 11.30 -7.91
C TRP B 98 -4.41 12.54 -7.03
N ALA B 99 -5.56 13.01 -6.55
CA ALA B 99 -5.57 14.20 -5.69
C ALA B 99 -4.84 13.93 -4.38
N VAL B 100 -4.97 12.71 -3.86
CA VAL B 100 -4.29 12.36 -2.61
C VAL B 100 -2.79 12.55 -2.75
N VAL B 101 -2.18 11.82 -3.69
CA VAL B 101 -0.75 11.91 -3.86
C VAL B 101 -0.34 13.28 -4.42
N TRP B 102 -1.26 14.02 -5.02
CA TRP B 102 -0.94 15.41 -5.39
C TRP B 102 -0.74 16.26 -4.15
N SER B 103 -1.69 16.20 -3.22
CA SER B 103 -1.51 16.88 -1.94
C SER B 103 -0.29 16.35 -1.19
N ILE B 104 0.10 15.10 -1.44
CA ILE B 104 1.29 14.55 -0.82
C ILE B 104 2.56 15.14 -1.41
N THR B 105 2.63 15.25 -2.74
CA THR B 105 3.87 15.61 -3.42
C THR B 105 3.77 16.79 -4.36
N GLY B 106 2.57 17.26 -4.69
CA GLY B 106 2.46 18.42 -5.55
C GLY B 106 2.53 18.04 -7.02
N SER B 107 3.50 18.62 -7.73
CA SER B 107 3.60 18.49 -9.18
C SER B 107 3.92 17.06 -9.62
N GLU B 108 4.26 16.17 -8.69
CA GLU B 108 4.46 14.77 -9.07
C GLU B 108 3.19 14.14 -9.62
N CYS B 109 2.04 14.74 -9.33
CA CYS B 109 0.75 14.29 -9.84
C CYS B 109 0.13 15.30 -10.80
N LEU B 110 0.96 15.94 -11.62
CA LEU B 110 0.53 16.92 -12.62
C LEU B 110 1.08 16.45 -13.96
N PRO B 111 0.64 17.06 -15.08
CA PRO B 111 1.17 16.63 -16.38
C PRO B 111 2.60 17.08 -16.60
N GLY B 112 3.41 16.97 -15.55
CA GLY B 112 4.86 17.08 -15.59
C GLY B 112 5.52 16.17 -14.59
N GLY B 113 4.75 15.29 -13.95
CA GLY B 113 5.24 14.50 -12.84
C GLY B 113 5.34 13.01 -13.15
N ASN B 114 6.15 12.32 -12.34
CA ASN B 114 6.36 10.90 -12.54
C ASN B 114 5.13 10.09 -12.16
N LEU B 115 4.69 10.21 -10.90
CA LEU B 115 3.57 9.42 -10.42
C LEU B 115 2.32 9.68 -11.25
N PHE B 116 2.15 10.92 -11.71
CA PHE B 116 1.06 11.24 -12.64
C PHE B 116 1.16 10.38 -13.89
N GLY B 117 2.35 10.30 -14.48
CA GLY B 117 2.53 9.46 -15.66
C GLY B 117 2.25 8.01 -15.36
N ILE B 118 2.67 7.53 -14.19
CA ILE B 118 2.44 6.14 -13.81
C ILE B 118 0.95 5.85 -13.74
N ILE B 119 0.20 6.71 -13.05
CA ILE B 119 -1.22 6.43 -12.84
C ILE B 119 -2.00 6.58 -14.14
N ILE B 120 -1.63 7.56 -14.99
CA ILE B 120 -2.35 7.68 -16.25
C ILE B 120 -2.01 6.53 -17.17
N LEU B 121 -0.77 6.02 -17.10
CA LEU B 121 -0.42 4.82 -17.84
C LEU B 121 -1.31 3.66 -17.42
N PHE B 122 -1.43 3.44 -16.11
CA PHE B 122 -2.29 2.37 -15.61
C PHE B 122 -3.72 2.55 -16.08
N TYR B 123 -4.21 3.79 -16.07
CA TYR B 123 -5.60 4.06 -16.44
C TYR B 123 -5.86 3.80 -17.92
N CYS B 124 -5.02 4.34 -18.80
CA CYS B 124 -5.18 4.08 -20.22
C CYS B 124 -4.95 2.61 -20.54
N ALA B 125 -4.16 1.91 -19.71
CA ALA B 125 -3.93 0.49 -19.93
C ALA B 125 -5.17 -0.33 -19.60
N ILE B 126 -5.82 -0.01 -18.47
CA ILE B 126 -7.03 -0.74 -18.11
C ILE B 126 -8.16 -0.39 -19.05
N ILE B 127 -8.15 0.81 -19.61
CA ILE B 127 -9.20 1.20 -20.55
C ILE B 127 -8.96 0.56 -21.92
N GLY B 128 -7.73 0.67 -22.44
CA GLY B 128 -7.46 0.19 -23.78
C GLY B 128 -7.72 -1.30 -23.94
N GLY B 129 -7.51 -2.08 -22.89
CA GLY B 129 -7.74 -3.51 -22.98
C GLY B 129 -9.19 -3.87 -23.18
N LYS B 130 -10.10 -3.20 -22.45
CA LYS B 130 -11.51 -3.55 -22.54
C LYS B 130 -12.11 -3.13 -23.88
N LEU B 131 -11.69 -1.98 -24.41
CA LEU B 131 -12.22 -1.53 -25.69
C LEU B 131 -11.84 -2.49 -26.82
N LEU B 132 -10.71 -3.19 -26.68
CA LEU B 132 -10.25 -4.09 -27.73
C LEU B 132 -11.26 -5.22 -27.96
N GLY B 133 -11.94 -5.66 -26.91
CA GLY B 133 -12.97 -6.67 -27.05
C GLY B 133 -14.35 -6.20 -26.64
N LEU B 134 -14.59 -4.90 -26.59
CA LEU B 134 -15.85 -4.36 -26.09
C LEU B 134 -16.99 -4.49 -27.10
N ILE B 135 -16.84 -3.88 -28.28
CA ILE B 135 -17.97 -3.71 -29.19
C ILE B 135 -18.03 -4.72 -30.32
N LYS B 136 -16.93 -5.44 -30.60
CA LYS B 136 -16.92 -6.31 -31.76
C LYS B 136 -16.08 -7.55 -31.49
N LEU B 137 -16.35 -8.58 -32.28
CA LEU B 137 -15.62 -9.85 -32.26
C LEU B 137 -15.41 -10.28 -33.70
N PRO B 138 -14.20 -10.71 -34.08
CA PRO B 138 -13.97 -11.09 -35.48
C PRO B 138 -14.71 -12.37 -35.84
N THR B 139 -16.00 -12.37 -35.48
CA THR B 139 -17.14 -13.21 -35.86
C THR B 139 -17.01 -14.66 -35.41
N LEU B 140 -15.80 -15.15 -35.14
CA LEU B 140 -15.69 -16.34 -34.31
C LEU B 140 -15.35 -16.08 -32.84
N PRO B 141 -14.22 -15.41 -32.56
CA PRO B 141 -13.62 -15.52 -31.22
C PRO B 141 -13.93 -14.34 -30.33
N PRO B 142 -13.58 -14.42 -29.06
CA PRO B 142 -13.42 -13.22 -28.22
C PRO B 142 -12.06 -12.58 -28.46
N LEU B 143 -11.72 -11.60 -27.62
CA LEU B 143 -10.53 -10.80 -27.89
C LEU B 143 -9.49 -10.91 -26.77
N PRO B 144 -8.20 -10.84 -27.12
CA PRO B 144 -7.13 -10.82 -26.10
C PRO B 144 -6.88 -9.44 -25.53
N SER B 145 -7.61 -9.09 -24.46
CA SER B 145 -7.52 -7.76 -23.84
C SER B 145 -6.08 -7.32 -23.59
N LEU B 146 -5.18 -8.25 -23.30
CA LEU B 146 -3.81 -7.89 -22.95
C LEU B 146 -3.09 -7.20 -24.10
N LEU B 147 -3.44 -7.56 -25.33
CA LEU B 147 -2.91 -6.86 -26.50
C LEU B 147 -3.21 -5.36 -26.40
N GLY B 148 -4.45 -5.00 -26.10
CA GLY B 148 -4.78 -3.60 -25.94
C GLY B 148 -4.10 -2.99 -24.72
N MET B 149 -4.00 -3.77 -23.63
CA MET B 149 -3.34 -3.27 -22.43
C MET B 149 -1.90 -2.86 -22.71
N LEU B 150 -1.19 -3.63 -23.54
CA LEU B 150 0.19 -3.28 -23.87
C LEU B 150 0.24 -2.21 -24.95
N LEU B 151 -0.70 -2.26 -25.90
CA LEU B 151 -0.71 -1.29 -26.98
C LEU B 151 -0.95 0.12 -26.46
N ALA B 152 -1.64 0.25 -25.32
CA ALA B 152 -1.83 1.55 -24.72
C ALA B 152 -0.48 2.21 -24.40
N GLY B 153 0.35 1.53 -23.59
CA GLY B 153 1.67 2.07 -23.29
C GLY B 153 2.50 2.27 -24.54
N PHE B 154 2.35 1.38 -25.52
CA PHE B 154 3.09 1.52 -26.77
C PHE B 154 2.73 2.82 -27.47
N LEU B 155 1.44 3.11 -27.61
CA LEU B 155 1.01 4.31 -28.32
C LEU B 155 1.34 5.55 -27.52
N ILE B 156 1.31 5.46 -26.18
CA ILE B 156 1.76 6.59 -25.36
C ILE B 156 3.23 6.87 -25.64
N ARG B 157 4.03 5.81 -25.78
CA ARG B 157 5.44 5.99 -26.12
C ARG B 157 5.61 6.59 -27.51
N ASN B 158 4.75 6.22 -28.45
CA ASN B 158 4.90 6.61 -29.85
C ASN B 158 4.81 8.11 -30.06
N ILE B 159 3.89 8.79 -29.36
CA ILE B 159 3.71 10.23 -29.53
C ILE B 159 4.54 10.95 -28.47
N PRO B 160 5.70 11.49 -28.83
CA PRO B 160 6.56 12.09 -27.80
C PRO B 160 6.10 13.45 -27.32
N VAL B 161 5.47 14.24 -28.20
CA VAL B 161 5.04 15.59 -27.83
C VAL B 161 4.04 15.55 -26.68
N ILE B 162 3.42 14.40 -26.45
CA ILE B 162 2.58 14.20 -25.28
C ILE B 162 3.18 13.19 -24.32
N ASN B 163 4.12 12.36 -24.79
CA ASN B 163 4.83 11.47 -23.88
C ASN B 163 5.75 12.24 -22.96
N ASP B 164 6.03 13.50 -23.28
CA ASP B 164 6.91 14.33 -22.45
C ASP B 164 6.28 14.74 -21.13
N ASN B 165 5.13 14.18 -20.79
CA ASN B 165 4.55 14.32 -19.47
C ASN B 165 4.51 13.01 -18.71
N VAL B 166 5.07 11.95 -19.28
CA VAL B 166 4.93 10.59 -18.74
C VAL B 166 6.33 10.06 -18.47
N GLN B 167 7.25 10.95 -18.12
CA GLN B 167 8.62 10.53 -17.84
C GLN B 167 8.68 9.78 -16.51
N ILE B 168 8.57 8.46 -16.59
CA ILE B 168 8.55 7.62 -15.40
C ILE B 168 9.98 7.36 -14.95
N LYS B 169 10.19 7.37 -13.63
CA LYS B 169 11.49 6.99 -13.07
C LYS B 169 11.89 5.63 -13.59
N HIS B 170 13.03 5.57 -14.30
CA HIS B 170 13.46 4.33 -14.91
C HIS B 170 13.60 3.21 -13.90
N LYS B 171 14.26 3.50 -12.77
CA LYS B 171 14.41 2.50 -11.72
C LYS B 171 13.05 2.02 -11.23
N TRP B 172 12.15 2.96 -10.94
CA TRP B 172 10.84 2.58 -10.42
C TRP B 172 10.02 1.81 -11.45
N SER B 173 10.05 2.27 -12.70
CA SER B 173 9.32 1.57 -13.75
C SER B 173 9.84 0.15 -13.93
N SER B 174 11.17 -0.02 -13.93
CA SER B 174 11.74 -1.36 -14.05
C SER B 174 11.36 -2.22 -12.86
N SER B 175 11.33 -1.64 -11.66
CA SER B 175 10.95 -2.42 -10.49
C SER B 175 9.50 -2.88 -10.59
N LEU B 176 8.61 -2.01 -11.09
CA LEU B 176 7.24 -2.42 -11.30
C LEU B 176 7.14 -3.55 -12.31
N ARG B 177 7.89 -3.44 -13.41
CA ARG B 177 7.88 -4.49 -14.42
C ARG B 177 8.38 -5.80 -13.84
N SER B 178 9.35 -5.73 -12.92
CA SER B 178 9.91 -6.95 -12.35
C SER B 178 9.01 -7.54 -11.28
N ILE B 179 8.22 -6.74 -10.58
CA ILE B 179 7.35 -7.27 -9.54
C ILE B 179 6.06 -7.83 -10.15
N ALA B 180 5.62 -7.24 -11.26
CA ALA B 180 4.33 -7.63 -11.84
C ALA B 180 4.30 -9.11 -12.22
N LEU B 181 5.45 -9.67 -12.57
CA LEU B 181 5.49 -11.07 -12.99
C LEU B 181 5.40 -12.03 -11.83
N SER B 182 5.72 -11.57 -10.61
CA SER B 182 5.71 -12.45 -9.46
C SER B 182 4.33 -13.03 -9.20
N ILE B 183 3.28 -12.26 -9.51
CA ILE B 183 1.92 -12.73 -9.26
C ILE B 183 1.59 -13.89 -10.17
N ILE B 184 1.91 -13.77 -11.46
CA ILE B 184 1.66 -14.88 -12.37
C ILE B 184 2.55 -16.07 -12.00
N LEU B 185 3.74 -15.78 -11.47
CA LEU B 185 4.61 -16.86 -11.00
C LEU B 185 3.95 -17.66 -9.90
N VAL B 186 3.48 -17.00 -8.85
CA VAL B 186 2.89 -17.72 -7.73
C VAL B 186 1.59 -18.37 -8.14
N ARG B 187 0.85 -17.74 -9.06
CA ARG B 187 -0.37 -18.36 -9.58
C ARG B 187 -0.05 -19.66 -10.29
N ALA B 188 1.05 -19.68 -11.06
CA ALA B 188 1.44 -20.92 -11.73
C ALA B 188 1.87 -21.98 -10.73
N GLY B 189 2.62 -21.58 -9.70
CA GLY B 189 3.16 -22.56 -8.78
C GLY B 189 2.10 -23.29 -7.99
N LEU B 190 1.06 -22.58 -7.56
CA LEU B 190 0.03 -23.21 -6.74
C LEU B 190 -0.83 -24.18 -7.54
N GLY B 191 -1.15 -23.81 -8.79
CA GLY B 191 -2.06 -24.61 -9.58
C GLY B 191 -1.47 -25.89 -10.13
N LEU B 192 -0.17 -26.11 -9.92
CA LEU B 192 0.49 -27.28 -10.50
C LEU B 192 -0.02 -28.57 -9.84
N ASP B 193 0.12 -29.66 -10.58
CA ASP B 193 -0.20 -31.00 -10.10
C ASP B 193 1.00 -31.88 -10.37
N SER B 194 1.43 -32.63 -9.35
CA SER B 194 2.71 -33.33 -9.46
C SER B 194 2.56 -34.70 -10.11
N LYS B 195 1.39 -35.32 -10.01
CA LYS B 195 1.24 -36.70 -10.47
C LYS B 195 1.44 -36.81 -11.98
N ALA B 196 0.70 -36.02 -12.75
CA ALA B 196 0.81 -36.10 -14.21
C ALA B 196 2.19 -35.69 -14.69
N LEU B 197 2.80 -34.70 -14.03
CA LEU B 197 4.11 -34.21 -14.45
C LEU B 197 5.21 -35.21 -14.12
N LYS B 198 5.08 -35.94 -13.00
CA LYS B 198 6.15 -36.82 -12.53
C LYS B 198 6.55 -37.83 -13.58
N LYS B 199 5.60 -38.31 -14.38
CA LYS B 199 5.94 -39.24 -15.45
C LYS B 199 6.42 -38.50 -16.69
N LEU B 200 6.06 -37.23 -16.82
CA LEU B 200 6.37 -36.47 -18.02
C LEU B 200 7.49 -35.45 -17.81
N LYS B 201 8.29 -35.61 -16.75
CA LYS B 201 9.32 -34.62 -16.42
C LYS B 201 10.26 -34.35 -17.59
N GLY B 202 10.90 -35.41 -18.11
CA GLY B 202 11.82 -35.23 -19.21
C GLY B 202 11.16 -34.67 -20.45
N VAL B 203 9.90 -35.04 -20.68
CA VAL B 203 9.17 -34.51 -21.83
C VAL B 203 9.02 -33.00 -21.71
N CYS B 204 8.62 -32.51 -20.54
CA CYS B 204 8.48 -31.07 -20.35
C CYS B 204 9.84 -30.38 -20.41
N VAL B 205 10.89 -31.04 -19.94
CA VAL B 205 12.22 -30.48 -20.08
C VAL B 205 12.57 -30.30 -21.56
N ARG B 206 12.20 -31.29 -22.38
CA ARG B 206 12.44 -31.18 -23.82
C ARG B 206 11.62 -30.05 -24.42
N LEU B 207 10.36 -29.92 -24.00
CA LEU B 207 9.53 -28.81 -24.46
C LEU B 207 10.19 -27.47 -24.14
N SER B 208 10.74 -27.35 -22.92
CA SER B 208 11.32 -26.10 -22.48
C SER B 208 12.67 -25.82 -23.11
N MET B 209 13.40 -26.84 -23.56
CA MET B 209 14.76 -26.64 -24.05
C MET B 209 14.83 -26.64 -25.57
N GLY B 210 14.22 -27.61 -26.23
CA GLY B 210 14.40 -27.82 -27.65
C GLY B 210 14.03 -26.66 -28.56
N PRO B 211 12.73 -26.35 -28.63
CA PRO B 211 12.28 -25.38 -29.65
C PRO B 211 12.93 -24.03 -29.55
N CYS B 212 13.16 -23.52 -28.33
CA CYS B 212 13.78 -22.21 -28.18
C CYS B 212 15.23 -22.19 -28.64
N ILE B 213 16.00 -23.22 -28.30
CA ILE B 213 17.41 -23.25 -28.70
C ILE B 213 17.54 -23.35 -30.21
N VAL B 214 16.74 -24.21 -30.84
CA VAL B 214 16.80 -24.36 -32.28
C VAL B 214 16.31 -23.10 -32.98
N GLU B 215 15.26 -22.47 -32.45
CA GLU B 215 14.80 -21.20 -32.98
C GLU B 215 15.90 -20.15 -32.88
N ALA B 216 16.64 -20.16 -31.76
CA ALA B 216 17.69 -19.19 -31.52
C ALA B 216 18.82 -19.34 -32.53
N CYS B 217 19.32 -20.57 -32.69
CA CYS B 217 20.41 -20.77 -33.65
C CYS B 217 19.92 -20.58 -35.08
N THR B 218 18.64 -20.84 -35.33
CA THR B 218 18.06 -20.56 -36.63
C THR B 218 18.15 -19.08 -36.97
N SER B 219 17.64 -18.22 -36.09
CA SER B 219 17.78 -16.79 -36.31
C SER B 219 19.23 -16.35 -36.37
N ALA B 220 20.08 -16.95 -35.52
CA ALA B 220 21.50 -16.60 -35.51
C ALA B 220 22.14 -16.82 -36.87
N LEU B 221 21.94 -17.99 -37.46
CA LEU B 221 22.51 -18.26 -38.78
C LEU B 221 21.79 -17.52 -39.91
N LEU B 222 20.48 -17.29 -39.76
CA LEU B 222 19.75 -16.49 -40.75
C LEU B 222 20.37 -15.11 -40.89
N ALA B 223 20.52 -14.40 -39.77
CA ALA B 223 21.16 -13.09 -39.84
C ALA B 223 22.67 -13.20 -40.02
N HIS B 224 23.28 -14.32 -39.65
CA HIS B 224 24.68 -14.58 -39.98
C HIS B 224 24.90 -14.46 -41.47
N TYR B 225 23.99 -15.05 -42.26
CA TYR B 225 24.10 -14.96 -43.72
C TYR B 225 23.62 -13.59 -44.21
N LEU B 226 22.38 -13.22 -43.88
CA LEU B 226 21.77 -12.05 -44.50
C LEU B 226 22.29 -10.74 -43.94
N LEU B 227 22.34 -10.59 -42.62
CA LEU B 227 22.78 -9.35 -41.99
C LEU B 227 24.24 -9.42 -41.56
N GLY B 228 24.93 -10.53 -41.82
CA GLY B 228 26.35 -10.60 -41.60
C GLY B 228 26.79 -10.70 -40.16
N LEU B 229 26.27 -11.67 -39.41
CA LEU B 229 26.70 -11.84 -38.03
C LEU B 229 27.95 -12.71 -38.02
N PRO B 230 28.98 -12.35 -37.26
CA PRO B 230 30.13 -13.25 -37.12
C PRO B 230 29.73 -14.53 -36.40
N TRP B 231 30.59 -15.56 -36.54
CA TRP B 231 30.28 -16.88 -36.03
C TRP B 231 30.24 -16.93 -34.51
N GLN B 232 30.83 -15.94 -33.85
CA GLN B 232 30.92 -15.93 -32.39
C GLN B 232 30.08 -14.83 -31.76
N TRP B 233 29.19 -14.22 -32.54
CA TRP B 233 28.43 -13.09 -32.02
C TRP B 233 26.93 -13.23 -32.27
N GLY B 234 26.53 -13.98 -33.29
CA GLY B 234 25.10 -14.20 -33.54
C GLY B 234 24.41 -14.87 -32.37
N PHE B 235 25.17 -15.40 -31.42
CA PHE B 235 24.59 -15.98 -30.23
C PHE B 235 23.75 -14.96 -29.47
N ILE B 236 24.10 -13.67 -29.54
CA ILE B 236 23.29 -12.64 -28.90
C ILE B 236 21.88 -12.60 -29.51
N LEU B 237 21.81 -12.60 -30.84
CA LEU B 237 20.50 -12.70 -31.49
C LEU B 237 19.76 -13.95 -31.06
N GLY B 238 20.47 -15.06 -30.91
CA GLY B 238 19.85 -16.27 -30.40
C GLY B 238 19.24 -16.07 -29.03
N PHE B 239 19.99 -15.46 -28.11
CA PHE B 239 19.50 -15.28 -26.74
C PHE B 239 18.30 -14.34 -26.70
N VAL B 240 18.37 -13.25 -27.45
CA VAL B 240 17.24 -12.31 -27.43
C VAL B 240 16.03 -12.92 -28.11
N LEU B 241 16.22 -13.95 -28.93
CA LEU B 241 15.07 -14.66 -29.48
C LEU B 241 14.58 -15.75 -28.54
N GLY B 242 15.45 -16.29 -27.71
CA GLY B 242 15.06 -17.36 -26.80
C GLY B 242 14.52 -16.87 -25.48
N ALA B 243 13.20 -16.91 -25.32
CA ALA B 243 12.55 -16.51 -24.08
C ALA B 243 11.11 -17.00 -24.09
N VAL B 244 10.37 -16.69 -23.02
CA VAL B 244 8.96 -17.06 -22.91
C VAL B 244 8.25 -16.00 -22.08
N SER B 245 6.95 -15.84 -22.31
CA SER B 245 6.14 -14.90 -21.55
C SER B 245 4.94 -15.59 -20.95
N PRO B 246 5.11 -16.32 -19.83
CA PRO B 246 3.96 -17.01 -19.22
C PRO B 246 2.91 -16.07 -18.67
N ALA B 247 3.20 -14.76 -18.56
CA ALA B 247 2.23 -13.82 -18.03
C ALA B 247 0.93 -13.83 -18.80
N VAL B 248 0.99 -14.17 -20.09
CA VAL B 248 -0.22 -14.28 -20.89
C VAL B 248 -0.67 -15.73 -20.96
N VAL B 249 0.28 -16.67 -20.83
CA VAL B 249 -0.05 -18.08 -20.97
C VAL B 249 -0.88 -18.58 -19.80
N VAL B 250 -0.41 -18.39 -18.57
CA VAL B 250 -1.13 -18.88 -17.39
C VAL B 250 -2.59 -18.45 -17.39
N PRO B 251 -2.94 -17.19 -17.70
CA PRO B 251 -4.37 -16.86 -17.81
C PRO B 251 -5.11 -17.77 -18.77
N SER B 252 -4.56 -18.00 -19.96
CA SER B 252 -5.21 -18.91 -20.91
C SER B 252 -5.32 -20.32 -20.34
N MET B 253 -4.28 -20.79 -19.64
CA MET B 253 -4.32 -22.12 -19.06
C MET B 253 -5.42 -22.21 -18.01
N LEU B 254 -5.60 -21.17 -17.20
CA LEU B 254 -6.64 -21.21 -16.18
C LEU B 254 -8.03 -21.08 -16.79
N LEU B 255 -8.18 -20.28 -17.84
CA LEU B 255 -9.48 -20.21 -18.51
C LEU B 255 -9.85 -21.55 -19.14
N LEU B 256 -8.89 -22.23 -19.76
CA LEU B 256 -9.18 -23.53 -20.34
C LEU B 256 -9.36 -24.59 -19.26
N GLN B 257 -8.69 -24.45 -18.12
CA GLN B 257 -8.97 -25.30 -16.97
C GLN B 257 -10.41 -25.15 -16.53
N GLY B 258 -10.88 -23.90 -16.42
CA GLY B 258 -12.30 -23.68 -16.23
C GLY B 258 -13.13 -24.33 -17.31
N GLY B 259 -12.63 -24.32 -18.55
CA GLY B 259 -13.26 -25.06 -19.62
C GLY B 259 -13.18 -26.56 -19.47
N GLY B 260 -12.35 -27.05 -18.55
CA GLY B 260 -12.27 -28.47 -18.28
C GLY B 260 -11.85 -29.33 -19.45
N TYR B 261 -11.21 -28.74 -20.46
CA TYR B 261 -10.87 -29.49 -21.66
C TYR B 261 -9.56 -30.24 -21.53
N GLY B 262 -8.46 -29.51 -21.36
CA GLY B 262 -7.16 -30.16 -21.28
C GLY B 262 -6.87 -30.78 -19.93
N VAL B 263 -7.51 -30.27 -18.87
CA VAL B 263 -7.26 -30.77 -17.53
C VAL B 263 -7.74 -32.20 -17.34
N GLU B 264 -8.50 -32.74 -18.30
CA GLU B 264 -8.80 -34.16 -18.29
C GLU B 264 -7.55 -35.01 -18.43
N LYS B 265 -6.43 -34.41 -18.83
CA LYS B 265 -5.11 -35.02 -18.79
C LYS B 265 -4.16 -34.12 -18.01
N GLY B 266 -4.70 -33.01 -17.48
CA GLY B 266 -3.91 -32.05 -16.75
C GLY B 266 -3.05 -31.19 -17.66
N VAL B 267 -3.30 -31.31 -18.97
CA VAL B 267 -2.51 -30.66 -20.01
C VAL B 267 -2.18 -29.21 -19.70
N PRO B 268 -3.15 -28.32 -19.45
CA PRO B 268 -2.80 -26.90 -19.30
C PRO B 268 -1.83 -26.64 -18.17
N THR B 269 -1.98 -27.35 -17.05
CA THR B 269 -1.05 -27.22 -15.94
C THR B 269 0.35 -27.68 -16.33
N LEU B 270 0.46 -28.72 -17.16
CA LEU B 270 1.76 -29.19 -17.60
C LEU B 270 2.42 -28.21 -18.56
N LEU B 271 1.62 -27.57 -19.42
CA LEU B 271 2.16 -26.68 -20.43
C LEU B 271 2.81 -25.45 -19.80
N MET B 272 2.05 -24.72 -18.97
CA MET B 272 2.55 -23.47 -18.43
C MET B 272 3.72 -23.67 -17.47
N ALA B 273 3.93 -24.88 -16.97
CA ALA B 273 5.02 -25.13 -16.05
C ALA B 273 6.37 -25.23 -16.75
N ALA B 274 6.40 -25.13 -18.09
CA ALA B 274 7.64 -25.36 -18.82
C ALA B 274 8.52 -24.12 -18.88
N GLY B 275 7.94 -22.92 -18.82
CA GLY B 275 8.72 -21.71 -19.01
C GLY B 275 9.51 -21.33 -17.77
N SER B 276 10.59 -22.08 -17.49
CA SER B 276 11.35 -21.85 -16.27
C SER B 276 12.81 -21.50 -16.53
N PHE B 277 13.49 -22.30 -17.36
CA PHE B 277 14.95 -22.19 -17.47
C PHE B 277 15.43 -21.63 -18.80
N ASP B 278 14.55 -21.52 -19.81
CA ASP B 278 14.98 -21.00 -21.10
C ASP B 278 15.60 -19.61 -20.97
N ASP B 279 14.97 -18.76 -20.16
CA ASP B 279 15.51 -17.42 -19.93
C ASP B 279 16.89 -17.50 -19.26
N ILE B 280 17.07 -18.47 -18.37
CA ILE B 280 18.34 -18.57 -17.65
C ILE B 280 19.44 -19.01 -18.60
N LEU B 281 19.15 -19.94 -19.51
CA LEU B 281 20.14 -20.32 -20.51
C LEU B 281 20.45 -19.14 -21.43
N ALA B 282 19.41 -18.40 -21.82
CA ALA B 282 19.62 -17.21 -22.66
C ALA B 282 20.55 -16.22 -21.98
N ILE B 283 20.34 -15.96 -20.68
CA ILE B 283 21.16 -14.96 -20.01
C ILE B 283 22.55 -15.49 -19.66
N THR B 284 22.70 -16.81 -19.45
CA THR B 284 24.03 -17.38 -19.27
C THR B 284 24.85 -17.24 -20.55
N GLY B 285 24.25 -17.64 -21.67
CA GLY B 285 24.89 -17.40 -22.95
C GLY B 285 25.15 -15.93 -23.17
N PHE B 286 24.26 -15.07 -22.70
CA PHE B 286 24.47 -13.63 -22.82
C PHE B 286 25.71 -13.20 -22.06
N ASN B 287 25.88 -13.69 -20.84
CA ASN B 287 27.09 -13.40 -20.07
C ASN B 287 28.34 -13.81 -20.84
N THR B 288 28.39 -15.08 -21.25
CA THR B 288 29.61 -15.57 -21.89
C THR B 288 29.85 -14.92 -23.25
N CYS B 289 28.78 -14.60 -23.99
CA CYS B 289 28.93 -14.01 -25.30
C CYS B 289 29.35 -12.54 -25.21
N LEU B 290 28.86 -11.82 -24.20
CA LEU B 290 29.41 -10.50 -23.94
C LEU B 290 30.89 -10.61 -23.60
N GLY B 291 31.23 -11.55 -22.72
CA GLY B 291 32.63 -11.74 -22.36
C GLY B 291 33.52 -12.11 -23.53
N ILE B 292 32.95 -12.71 -24.57
CA ILE B 292 33.72 -13.15 -25.73
C ILE B 292 33.74 -12.07 -26.82
N ALA B 293 32.57 -11.75 -27.38
CA ALA B 293 32.52 -10.76 -28.45
C ALA B 293 32.70 -9.34 -27.90
N PHE B 294 31.92 -8.99 -26.89
CA PHE B 294 32.06 -7.69 -26.23
C PHE B 294 33.29 -7.62 -25.34
N SER B 295 34.03 -8.73 -25.23
CA SER B 295 35.26 -8.81 -24.44
C SER B 295 35.07 -8.27 -23.02
N THR B 296 33.97 -8.62 -22.38
CA THR B 296 33.66 -8.10 -21.05
C THR B 296 33.99 -9.15 -19.99
N GLY B 297 35.19 -9.04 -19.42
CA GLY B 297 35.56 -9.88 -18.30
C GLY B 297 35.83 -11.32 -18.69
N SER B 298 35.91 -12.17 -17.67
CA SER B 298 36.20 -13.59 -17.84
C SER B 298 34.95 -14.30 -18.35
N THR B 299 35.03 -14.85 -19.56
CA THR B 299 33.88 -15.53 -20.15
C THR B 299 33.61 -16.87 -19.46
N VAL B 300 34.66 -17.58 -19.03
CA VAL B 300 34.45 -18.82 -18.29
C VAL B 300 33.80 -18.53 -16.95
N PHE B 301 34.20 -17.43 -16.30
CA PHE B 301 33.50 -17.00 -15.10
C PHE B 301 32.10 -16.48 -15.43
N ASN B 302 31.86 -16.03 -16.65
CA ASN B 302 30.49 -15.71 -17.05
C ASN B 302 29.63 -16.96 -17.10
N VAL B 303 30.16 -18.04 -17.66
CA VAL B 303 29.44 -19.32 -17.65
C VAL B 303 29.22 -19.80 -16.23
N LEU B 304 30.26 -19.65 -15.39
CA LEU B 304 30.12 -20.00 -13.98
C LEU B 304 29.01 -19.20 -13.30
N ARG B 305 28.95 -17.90 -13.59
CA ARG B 305 27.89 -17.05 -13.07
C ARG B 305 26.52 -17.51 -13.54
N GLY B 306 26.41 -17.88 -14.81
CA GLY B 306 25.13 -18.31 -15.33
C GLY B 306 24.68 -19.66 -14.80
N VAL B 307 25.64 -20.51 -14.46
CA VAL B 307 25.29 -21.85 -13.95
C VAL B 307 24.96 -21.79 -12.47
N LEU B 308 25.73 -21.00 -11.71
CA LEU B 308 25.48 -20.86 -10.28
C LEU B 308 24.12 -20.25 -10.00
N GLU B 309 23.65 -19.36 -10.86
CA GLU B 309 22.31 -18.80 -10.67
C GLU B 309 21.22 -19.82 -10.92
N VAL B 310 21.52 -20.89 -11.65
CA VAL B 310 20.59 -22.01 -11.77
C VAL B 310 20.63 -22.82 -10.49
N VAL B 311 21.84 -23.17 -10.04
CA VAL B 311 21.96 -24.12 -8.94
C VAL B 311 21.41 -23.51 -7.64
N ILE B 312 21.65 -22.23 -7.42
CA ILE B 312 21.15 -21.62 -6.18
C ILE B 312 19.64 -21.42 -6.25
N GLY B 313 19.12 -21.07 -7.43
CA GLY B 313 17.69 -20.91 -7.57
C GLY B 313 16.93 -22.22 -7.42
N VAL B 314 17.55 -23.34 -7.78
CA VAL B 314 16.88 -24.63 -7.62
C VAL B 314 17.15 -25.21 -6.23
N ALA B 315 18.21 -24.74 -5.56
CA ALA B 315 18.54 -25.30 -4.26
C ALA B 315 17.81 -24.59 -3.12
N THR B 316 17.88 -23.26 -3.07
CA THR B 316 17.43 -22.52 -1.90
C THR B 316 15.91 -22.47 -1.79
N GLY B 317 15.19 -22.75 -2.87
CA GLY B 317 13.75 -22.65 -2.82
C GLY B 317 13.06 -23.77 -2.06
N SER B 318 13.82 -24.81 -1.69
CA SER B 318 13.21 -25.98 -1.07
C SER B 318 12.87 -25.75 0.39
N VAL B 319 13.77 -25.09 1.13
CA VAL B 319 13.64 -25.00 2.59
C VAL B 319 12.38 -24.25 3.01
N LEU B 320 11.86 -23.36 2.17
CA LEU B 320 10.61 -22.67 2.52
C LEU B 320 9.45 -23.65 2.59
N GLY B 321 9.37 -24.56 1.63
CA GLY B 321 8.31 -25.56 1.67
C GLY B 321 8.43 -26.50 2.84
N PHE B 322 9.65 -26.67 3.36
CA PHE B 322 9.86 -27.54 4.51
C PHE B 322 9.02 -27.12 5.71
N PHE B 323 8.66 -25.84 5.79
CA PHE B 323 7.79 -25.37 6.87
C PHE B 323 6.38 -25.10 6.36
N ILE B 324 6.26 -24.26 5.32
CA ILE B 324 4.95 -23.76 4.91
C ILE B 324 4.09 -24.87 4.34
N GLN B 325 4.69 -25.93 3.81
CA GLN B 325 3.91 -27.10 3.43
C GLN B 325 3.51 -27.93 4.64
N TYR B 326 4.23 -27.81 5.76
CA TYR B 326 4.04 -28.73 6.87
C TYR B 326 3.43 -28.09 8.11
N PHE B 327 4.07 -27.03 8.64
CA PHE B 327 3.56 -26.53 9.91
C PHE B 327 3.26 -25.03 9.97
N PRO B 328 2.55 -24.44 9.00
CA PRO B 328 1.89 -23.16 9.28
C PRO B 328 0.56 -23.41 9.97
N SER B 329 0.62 -23.48 11.31
CA SER B 329 -0.43 -24.09 12.13
C SER B 329 -1.85 -23.74 11.67
N ARG B 330 -2.72 -24.74 11.74
CA ARG B 330 -4.02 -24.67 11.07
C ARG B 330 -4.94 -23.62 11.69
N ASP B 331 -4.99 -23.54 13.01
CA ASP B 331 -6.01 -22.73 13.68
C ASP B 331 -5.57 -21.28 13.84
N GLN B 332 -4.69 -20.82 12.96
CA GLN B 332 -4.37 -19.41 12.88
C GLN B 332 -5.55 -18.68 12.24
N ASP B 333 -5.86 -17.50 12.78
CA ASP B 333 -7.07 -16.79 12.39
C ASP B 333 -7.05 -16.42 10.91
N LYS B 334 -6.06 -15.66 10.48
CA LYS B 334 -5.96 -15.22 9.09
C LYS B 334 -4.99 -16.09 8.30
N LEU B 335 -4.98 -17.39 8.62
CA LEU B 335 -3.98 -18.30 8.07
C LEU B 335 -3.82 -18.14 6.56
N VAL B 336 -4.93 -18.20 5.81
CA VAL B 336 -4.84 -18.00 4.38
C VAL B 336 -4.53 -16.53 4.05
N CYS B 337 -5.22 -15.61 4.73
CA CYS B 337 -4.97 -14.18 4.53
C CYS B 337 -3.55 -13.79 4.86
N LYS B 338 -2.89 -14.53 5.77
CA LYS B 338 -1.48 -14.33 6.04
C LYS B 338 -0.64 -14.95 4.92
N ARG B 339 -0.79 -16.27 4.73
CA ARG B 339 0.01 -17.03 3.78
C ARG B 339 0.08 -16.36 2.42
N THR B 340 -1.01 -15.74 1.97
CA THR B 340 -1.00 -15.10 0.66
C THR B 340 0.10 -14.06 0.55
N PHE B 341 -0.01 -12.97 1.32
CA PHE B 341 1.01 -11.94 1.23
C PHE B 341 2.35 -12.43 1.73
N LEU B 342 2.38 -13.45 2.59
CA LEU B 342 3.64 -14.05 3.00
C LEU B 342 4.40 -14.58 1.79
N VAL B 343 3.75 -15.41 0.99
CA VAL B 343 4.45 -16.01 -0.15
C VAL B 343 4.71 -14.96 -1.23
N LEU B 344 3.84 -13.96 -1.36
CA LEU B 344 4.15 -12.86 -2.28
C LEU B 344 5.43 -12.14 -1.84
N GLY B 345 5.56 -11.89 -0.54
CA GLY B 345 6.77 -11.25 -0.04
C GLY B 345 8.00 -12.11 -0.26
N LEU B 346 7.89 -13.41 0.00
CA LEU B 346 9.03 -14.29 -0.26
C LEU B 346 9.40 -14.31 -1.73
N SER B 347 8.41 -14.25 -2.62
CA SER B 347 8.68 -14.23 -4.05
C SER B 347 9.46 -12.99 -4.44
N VAL B 348 8.93 -11.81 -4.10
CA VAL B 348 9.60 -10.57 -4.48
C VAL B 348 10.95 -10.47 -3.77
N LEU B 349 11.05 -11.05 -2.57
CA LEU B 349 12.32 -11.08 -1.85
C LEU B 349 13.36 -11.86 -2.63
N ALA B 350 13.01 -13.09 -3.05
CA ALA B 350 13.91 -13.86 -3.88
C ALA B 350 14.31 -13.09 -5.12
N VAL B 351 13.33 -12.50 -5.80
CA VAL B 351 13.57 -11.75 -7.03
C VAL B 351 14.62 -10.68 -6.80
N PHE B 352 14.36 -9.77 -5.86
CA PHE B 352 15.20 -8.60 -5.71
C PHE B 352 16.49 -8.87 -4.95
N SER B 353 16.51 -9.86 -4.06
CA SER B 353 17.78 -10.26 -3.45
C SER B 353 18.71 -10.86 -4.48
N SER B 354 18.18 -11.71 -5.36
CA SER B 354 18.99 -12.24 -6.45
C SER B 354 19.41 -11.13 -7.42
N VAL B 355 18.55 -10.14 -7.64
CA VAL B 355 18.93 -8.99 -8.46
C VAL B 355 20.11 -8.25 -7.81
N HIS B 356 20.02 -7.99 -6.51
CA HIS B 356 21.11 -7.35 -5.79
C HIS B 356 22.39 -8.18 -5.86
N PHE B 357 22.25 -9.50 -5.78
CA PHE B 357 23.41 -10.36 -5.92
C PHE B 357 23.89 -10.45 -7.36
N GLY B 358 23.01 -10.15 -8.32
CA GLY B 358 23.35 -10.23 -9.72
C GLY B 358 22.91 -11.49 -10.42
N PHE B 359 21.95 -12.22 -9.85
CA PHE B 359 21.48 -13.47 -10.43
C PHE B 359 19.95 -13.47 -10.53
N PRO B 360 19.37 -12.56 -11.33
CA PRO B 360 17.91 -12.39 -11.30
C PRO B 360 17.12 -13.62 -11.68
N GLY B 361 17.73 -14.57 -12.41
CA GLY B 361 17.01 -15.76 -12.79
C GLY B 361 16.74 -16.69 -11.63
N SER B 362 17.54 -16.59 -10.56
CA SER B 362 17.38 -17.48 -9.42
C SER B 362 16.07 -17.24 -8.68
N GLY B 363 15.56 -16.00 -8.72
CA GLY B 363 14.35 -15.65 -8.00
C GLY B 363 13.13 -16.46 -8.40
N GLY B 364 12.87 -16.54 -9.72
CA GLY B 364 11.69 -17.25 -10.18
C GLY B 364 11.70 -18.71 -9.81
N LEU B 365 12.88 -19.33 -9.79
CA LEU B 365 12.97 -20.75 -9.46
C LEU B 365 12.56 -21.02 -8.03
N CYS B 366 13.22 -20.35 -7.08
CA CYS B 366 12.84 -20.48 -5.67
C CYS B 366 11.38 -20.11 -5.47
N THR B 367 10.91 -19.06 -6.14
CA THR B 367 9.51 -18.65 -6.03
C THR B 367 8.58 -19.78 -6.45
N LEU B 368 8.83 -20.38 -7.61
CA LEU B 368 7.94 -21.40 -8.12
C LEU B 368 7.96 -22.67 -7.27
N VAL B 369 9.15 -23.13 -6.87
CA VAL B 369 9.21 -24.35 -6.08
C VAL B 369 8.59 -24.14 -4.72
N MET B 370 8.78 -22.96 -4.13
CA MET B 370 8.15 -22.66 -2.86
C MET B 370 6.63 -22.59 -3.00
N ALA B 371 6.15 -21.99 -4.09
CA ALA B 371 4.71 -21.88 -4.30
C ALA B 371 4.08 -23.25 -4.50
N PHE B 372 4.75 -24.13 -5.22
CA PHE B 372 4.21 -25.47 -5.43
C PHE B 372 4.27 -26.28 -4.14
N LEU B 373 5.36 -26.17 -3.39
CA LEU B 373 5.51 -26.93 -2.16
C LEU B 373 4.40 -26.61 -1.17
N ALA B 374 4.21 -25.33 -0.85
CA ALA B 374 3.14 -24.96 0.07
C ALA B 374 1.78 -25.33 -0.51
N GLY B 375 1.60 -25.13 -1.81
CA GLY B 375 0.35 -25.53 -2.44
C GLY B 375 0.04 -27.00 -2.24
N MET B 376 1.06 -27.85 -2.32
CA MET B 376 0.89 -29.26 -2.00
C MET B 376 0.40 -29.44 -0.58
N GLY B 377 0.98 -28.67 0.36
CA GLY B 377 0.49 -28.70 1.73
C GLY B 377 -0.84 -28.00 1.87
N TRP B 378 -1.05 -26.93 1.11
CA TRP B 378 -2.31 -26.19 1.18
C TRP B 378 -3.40 -26.87 0.37
N THR B 379 -3.12 -28.08 -0.15
CA THR B 379 -3.97 -28.75 -1.14
C THR B 379 -5.45 -28.58 -0.85
N SER B 380 -5.85 -28.64 0.42
CA SER B 380 -7.21 -28.31 0.80
C SER B 380 -7.47 -26.81 0.68
N GLU B 381 -6.66 -26.01 1.38
CA GLU B 381 -6.91 -24.57 1.45
C GLU B 381 -6.28 -23.80 0.29
N LYS B 382 -5.43 -24.45 -0.51
CA LYS B 382 -4.84 -23.77 -1.66
C LYS B 382 -5.91 -23.32 -2.64
N ALA B 383 -7.07 -23.98 -2.62
CA ALA B 383 -8.20 -23.56 -3.44
C ALA B 383 -8.85 -22.29 -2.94
N GLU B 384 -8.36 -21.73 -1.83
CA GLU B 384 -8.90 -20.51 -1.25
C GLU B 384 -7.93 -19.35 -1.28
N VAL B 385 -6.63 -19.61 -1.06
CA VAL B 385 -5.64 -18.55 -1.20
C VAL B 385 -5.62 -18.02 -2.62
N GLU B 386 -6.01 -18.87 -3.59
CA GLU B 386 -5.99 -18.49 -4.98
C GLU B 386 -6.90 -17.32 -5.27
N LYS B 387 -7.96 -17.15 -4.48
CA LYS B 387 -8.96 -16.12 -4.77
C LYS B 387 -8.39 -14.73 -4.52
N ILE B 388 -7.63 -14.56 -3.44
CA ILE B 388 -7.02 -13.27 -3.17
C ILE B 388 -6.00 -12.92 -4.25
N ILE B 389 -5.20 -13.90 -4.66
CA ILE B 389 -4.21 -13.67 -5.71
C ILE B 389 -4.92 -13.31 -7.01
N ALA B 390 -6.06 -13.94 -7.28
CA ALA B 390 -6.80 -13.65 -8.50
C ALA B 390 -7.36 -12.23 -8.48
N VAL B 391 -8.00 -11.85 -7.36
CA VAL B 391 -8.61 -10.52 -7.31
C VAL B 391 -7.54 -9.43 -7.30
N ALA B 392 -6.34 -9.75 -6.82
CA ALA B 392 -5.26 -8.77 -6.86
C ALA B 392 -4.65 -8.68 -8.26
N TRP B 393 -4.49 -9.83 -8.92
CA TRP B 393 -3.75 -9.89 -10.18
C TRP B 393 -4.42 -9.09 -11.28
N ASP B 394 -5.70 -8.76 -11.12
CA ASP B 394 -6.43 -8.01 -12.15
C ASP B 394 -5.75 -6.69 -12.47
N ILE B 395 -5.18 -6.02 -11.47
CA ILE B 395 -4.67 -4.67 -11.64
C ILE B 395 -3.21 -4.61 -12.03
N PHE B 396 -2.45 -5.70 -11.86
CA PHE B 396 -1.02 -5.64 -12.15
C PHE B 396 -0.69 -6.06 -13.56
N GLN B 397 -1.64 -6.68 -14.26
CA GLN B 397 -1.46 -6.95 -15.69
C GLN B 397 -1.31 -5.67 -16.51
N PRO B 398 -2.27 -4.73 -16.49
CA PRO B 398 -2.22 -3.64 -17.48
C PRO B 398 -1.08 -2.67 -17.23
N LEU B 399 -0.72 -2.41 -15.97
CA LEU B 399 0.43 -1.55 -15.70
C LEU B 399 1.70 -2.16 -16.27
N LEU B 400 1.87 -3.48 -16.11
CA LEU B 400 3.04 -4.15 -16.66
C LEU B 400 3.04 -4.06 -18.18
N PHE B 401 1.88 -4.30 -18.79
CA PHE B 401 1.79 -4.30 -20.24
C PHE B 401 2.08 -2.92 -20.81
N GLY B 402 1.58 -1.88 -20.15
CA GLY B 402 1.86 -0.53 -20.59
C GLY B 402 3.32 -0.15 -20.40
N LEU B 403 3.92 -0.57 -19.27
CA LEU B 403 5.34 -0.32 -19.06
C LEU B 403 6.19 -0.98 -20.14
N ILE B 404 5.84 -2.20 -20.51
CA ILE B 404 6.55 -2.87 -21.59
C ILE B 404 6.29 -2.16 -22.91
N GLY B 405 5.08 -1.63 -23.10
CA GLY B 405 4.77 -0.94 -24.34
C GLY B 405 5.46 0.41 -24.45
N ALA B 406 5.53 1.13 -23.32
CA ALA B 406 6.10 2.47 -23.32
C ALA B 406 7.62 2.46 -23.37
N GLU B 407 8.20 1.93 -24.44
CA GLU B 407 9.66 1.81 -24.53
C GLU B 407 10.28 2.63 -25.66
N VAL B 408 9.86 2.39 -26.91
CA VAL B 408 10.53 2.98 -28.06
C VAL B 408 9.52 3.11 -29.20
N SER B 409 9.92 3.81 -30.26
CA SER B 409 9.09 4.00 -31.45
C SER B 409 9.82 3.46 -32.67
N ILE B 410 9.06 3.27 -33.76
CA ILE B 410 9.59 2.65 -34.97
C ILE B 410 10.63 3.54 -35.65
N ALA B 411 10.35 4.83 -35.79
CA ALA B 411 11.23 5.72 -36.54
C ALA B 411 12.63 5.78 -35.94
N SER B 412 12.77 5.54 -34.64
CA SER B 412 14.09 5.56 -34.02
C SER B 412 14.89 4.33 -34.39
N LEU B 413 14.22 3.21 -34.69
CA LEU B 413 14.93 1.99 -35.04
C LEU B 413 15.37 2.05 -36.51
N ARG B 414 14.38 2.00 -37.40
CA ARG B 414 14.53 2.21 -38.84
C ARG B 414 13.15 2.38 -39.46
N PRO B 415 12.93 3.45 -40.24
CA PRO B 415 11.68 3.51 -41.03
C PRO B 415 11.73 2.59 -42.24
N GLU B 416 12.91 2.30 -42.74
CA GLU B 416 13.09 1.46 -43.92
C GLU B 416 13.83 0.18 -43.57
N THR B 417 13.91 -0.72 -44.56
CA THR B 417 14.43 -2.08 -44.41
C THR B 417 13.62 -2.93 -43.45
N VAL B 418 12.41 -2.46 -43.09
CA VAL B 418 11.56 -3.23 -42.19
C VAL B 418 11.10 -4.52 -42.86
N GLY B 419 10.47 -4.39 -44.04
CA GLY B 419 9.99 -5.55 -44.76
C GLY B 419 11.08 -6.45 -45.31
N LEU B 420 12.35 -6.10 -45.13
CA LEU B 420 13.46 -6.89 -45.61
C LEU B 420 14.39 -7.35 -44.49
N CYS B 421 13.97 -7.22 -43.23
CA CYS B 421 14.77 -7.68 -42.10
C CYS B 421 13.96 -8.50 -41.11
N VAL B 422 12.63 -8.53 -41.25
CA VAL B 422 11.79 -9.26 -40.30
C VAL B 422 11.94 -10.76 -40.47
N ALA B 423 12.38 -11.20 -41.65
CA ALA B 423 12.40 -12.63 -41.97
C ALA B 423 13.17 -13.47 -40.96
N THR B 424 14.27 -12.94 -40.43
CA THR B 424 15.12 -13.75 -39.54
C THR B 424 14.37 -14.19 -38.30
N VAL B 425 13.37 -13.41 -37.86
CA VAL B 425 12.54 -13.82 -36.73
C VAL B 425 11.25 -14.47 -37.22
N GLY B 426 10.74 -14.01 -38.37
CA GLY B 426 9.50 -14.55 -38.89
C GLY B 426 9.57 -16.02 -39.22
N ILE B 427 10.71 -16.47 -39.75
CA ILE B 427 10.90 -17.90 -39.99
C ILE B 427 11.11 -18.63 -38.67
N ALA B 428 11.84 -18.02 -37.73
CA ALA B 428 12.09 -18.65 -36.44
C ALA B 428 10.80 -18.93 -35.68
N VAL B 429 9.80 -18.06 -35.83
CA VAL B 429 8.49 -18.31 -35.25
C VAL B 429 7.99 -19.67 -35.69
N LEU B 430 8.05 -19.95 -36.98
CA LEU B 430 7.63 -21.25 -37.49
C LEU B 430 8.56 -22.37 -37.05
N ILE B 431 9.85 -22.09 -36.91
CA ILE B 431 10.80 -23.12 -36.46
C ILE B 431 10.41 -23.64 -35.08
N ARG B 432 10.03 -22.74 -34.18
CA ARG B 432 9.64 -23.16 -32.84
C ARG B 432 8.47 -24.14 -32.85
N ILE B 433 7.52 -23.94 -33.76
CA ILE B 433 6.24 -24.66 -33.73
C ILE B 433 6.42 -26.16 -33.87
N LEU B 434 6.97 -26.61 -34.99
CA LEU B 434 7.08 -28.03 -35.23
C LEU B 434 8.21 -28.68 -34.43
N THR B 435 9.19 -27.90 -33.98
CA THR B 435 10.15 -28.46 -33.03
C THR B 435 9.49 -28.78 -31.71
N THR B 436 8.49 -27.98 -31.31
CA THR B 436 7.68 -28.34 -30.15
C THR B 436 6.98 -29.67 -30.37
N PHE B 437 6.43 -29.88 -31.57
CA PHE B 437 5.85 -31.17 -31.92
C PHE B 437 6.90 -32.29 -31.82
N LEU B 438 8.12 -32.01 -32.26
CA LEU B 438 9.16 -33.05 -32.28
C LEU B 438 9.63 -33.38 -30.86
N MET B 439 9.49 -32.45 -29.91
CA MET B 439 9.92 -32.71 -28.55
C MET B 439 9.19 -33.91 -27.95
N VAL B 440 7.98 -34.19 -28.41
CA VAL B 440 7.23 -35.35 -27.94
C VAL B 440 7.67 -36.55 -28.77
N CYS B 441 8.71 -37.25 -28.32
CA CYS B 441 9.28 -38.33 -29.11
C CYS B 441 8.34 -39.51 -29.22
N PHE B 442 7.94 -40.09 -28.09
CA PHE B 442 7.14 -41.30 -28.10
C PHE B 442 5.92 -41.20 -27.19
N ALA B 443 5.80 -40.09 -26.46
CA ALA B 443 4.64 -39.91 -25.60
C ALA B 443 3.36 -39.85 -26.42
N GLY B 444 2.26 -40.27 -25.80
CA GLY B 444 1.00 -40.42 -26.50
C GLY B 444 0.17 -39.17 -26.61
N PHE B 445 0.20 -38.53 -27.78
CA PHE B 445 -0.62 -37.38 -28.08
C PHE B 445 -0.96 -37.39 -29.56
N ASN B 446 -2.25 -37.33 -29.87
CA ASN B 446 -2.67 -37.36 -31.26
C ASN B 446 -2.30 -36.04 -31.96
N LEU B 447 -2.55 -36.00 -33.27
CA LEU B 447 -2.22 -34.81 -34.05
C LEU B 447 -2.85 -33.56 -33.46
N LYS B 448 -4.09 -33.67 -32.99
CA LYS B 448 -4.73 -32.52 -32.36
C LYS B 448 -4.02 -32.13 -31.07
N GLU B 449 -3.72 -33.10 -30.21
CA GLU B 449 -3.03 -32.81 -28.96
C GLU B 449 -1.64 -32.25 -29.22
N LYS B 450 -0.91 -32.85 -30.16
CA LYS B 450 0.45 -32.40 -30.43
C LYS B 450 0.47 -31.02 -31.06
N ILE B 451 -0.47 -30.71 -31.95
CA ILE B 451 -0.50 -29.38 -32.54
C ILE B 451 -0.98 -28.36 -31.52
N PHE B 452 -1.81 -28.79 -30.56
CA PHE B 452 -2.19 -27.90 -29.46
C PHE B 452 -0.98 -27.57 -28.60
N ILE B 453 -0.17 -28.57 -28.27
CA ILE B 453 1.07 -28.33 -27.54
C ILE B 453 1.98 -27.40 -28.32
N SER B 454 2.10 -27.64 -29.63
CA SER B 454 2.92 -26.78 -30.46
C SER B 454 2.43 -25.33 -30.42
N PHE B 455 1.11 -25.13 -30.41
CA PHE B 455 0.57 -23.77 -30.37
C PHE B 455 0.85 -23.09 -29.03
N ALA B 456 1.20 -23.87 -28.01
CA ALA B 456 1.29 -23.32 -26.66
C ALA B 456 2.63 -22.64 -26.42
N TRP B 457 3.72 -23.25 -26.87
CA TRP B 457 5.06 -22.79 -26.50
C TRP B 457 5.48 -21.52 -27.23
N LEU B 458 4.60 -20.90 -28.01
CA LEU B 458 4.95 -19.81 -28.91
C LEU B 458 5.18 -18.45 -28.23
N PRO B 459 4.28 -17.96 -27.36
CA PRO B 459 4.40 -16.58 -26.88
C PRO B 459 5.74 -16.26 -26.25
N LYS B 460 6.34 -15.15 -26.69
CA LYS B 460 7.57 -14.62 -26.13
C LYS B 460 7.51 -13.10 -26.14
N ALA B 461 7.33 -12.49 -24.97
CA ALA B 461 7.26 -11.03 -24.92
C ALA B 461 8.05 -10.42 -23.77
N THR B 462 8.32 -11.19 -22.73
CA THR B 462 8.80 -10.61 -21.47
C THR B 462 10.30 -10.30 -21.50
N VAL B 463 11.14 -11.32 -21.66
CA VAL B 463 12.57 -11.14 -21.57
C VAL B 463 13.12 -10.33 -22.74
N GLN B 464 12.48 -10.42 -23.91
CA GLN B 464 12.87 -9.58 -25.05
C GLN B 464 12.85 -8.10 -24.66
N ALA B 465 11.88 -7.72 -23.84
CA ALA B 465 11.85 -6.35 -23.31
C ALA B 465 12.82 -6.21 -22.14
N ALA B 466 13.02 -7.28 -21.37
CA ALA B 466 13.88 -7.22 -20.20
C ALA B 466 15.33 -6.89 -20.56
N ILE B 467 15.90 -7.58 -21.55
CA ILE B 467 17.29 -7.36 -21.90
C ILE B 467 17.48 -7.01 -23.37
N GLY B 468 16.51 -6.36 -23.99
CA GLY B 468 16.64 -6.03 -25.40
C GLY B 468 17.69 -4.97 -25.67
N SER B 469 17.49 -3.76 -25.15
CA SER B 469 18.39 -2.65 -25.47
C SER B 469 19.67 -2.69 -24.65
N VAL B 470 19.78 -3.63 -23.70
CA VAL B 470 20.95 -3.65 -22.82
C VAL B 470 22.23 -3.91 -23.62
N ALA B 471 22.13 -4.55 -24.78
CA ALA B 471 23.31 -4.78 -25.60
C ALA B 471 23.80 -3.48 -26.22
N LEU B 472 22.88 -2.68 -26.77
CA LEU B 472 23.26 -1.38 -27.31
C LEU B 472 23.78 -0.46 -26.21
N ASP B 473 23.15 -0.51 -25.03
CA ASP B 473 23.62 0.27 -23.90
C ASP B 473 25.04 -0.14 -23.51
N THR B 474 25.30 -1.45 -23.51
CA THR B 474 26.65 -1.92 -23.21
C THR B 474 27.65 -1.46 -24.26
N ALA B 475 27.25 -1.49 -25.53
CA ALA B 475 28.11 -1.01 -26.60
C ALA B 475 28.45 0.46 -26.42
N ARG B 476 27.48 1.26 -26.00
CA ARG B 476 27.75 2.67 -25.72
C ARG B 476 28.66 2.84 -24.52
N SER B 477 28.39 2.09 -23.44
CA SER B 477 29.18 2.25 -22.22
C SER B 477 30.63 1.86 -22.45
N HIS B 478 30.87 0.81 -23.22
CA HIS B 478 32.23 0.35 -23.47
C HIS B 478 32.88 1.07 -24.65
N GLY B 479 32.13 1.84 -25.42
CA GLY B 479 32.69 2.59 -26.52
C GLY B 479 33.13 1.75 -27.69
N GLU B 480 32.19 1.03 -28.32
CA GLU B 480 32.48 0.18 -29.46
C GLU B 480 31.47 0.51 -30.57
N LYS B 481 31.89 1.37 -31.51
CA LYS B 481 30.99 1.88 -32.53
C LYS B 481 30.44 0.77 -33.42
N GLN B 482 31.29 -0.19 -33.79
CA GLN B 482 30.79 -1.34 -34.53
C GLN B 482 29.79 -2.12 -33.70
N LEU B 483 30.09 -2.31 -32.41
CA LEU B 483 29.13 -2.90 -31.50
C LEU B 483 27.94 -1.99 -31.26
N GLU B 484 28.07 -0.68 -31.50
CA GLU B 484 26.93 0.20 -31.34
C GLU B 484 25.97 0.11 -32.52
N ASP B 485 26.48 -0.03 -33.75
CA ASP B 485 25.60 -0.36 -34.87
C ASP B 485 25.00 -1.74 -34.68
N TYR B 486 25.81 -2.70 -34.22
CA TYR B 486 25.28 -3.99 -33.79
C TYR B 486 24.17 -3.82 -32.78
N GLY B 487 24.31 -2.85 -31.87
CA GLY B 487 23.35 -2.69 -30.80
C GLY B 487 22.05 -2.07 -31.27
N MET B 488 22.13 -1.11 -32.19
CA MET B 488 20.89 -0.57 -32.76
C MET B 488 20.15 -1.65 -33.53
N ASP B 489 20.88 -2.53 -34.23
CA ASP B 489 20.23 -3.60 -34.96
C ASP B 489 19.60 -4.63 -34.02
N VAL B 490 20.30 -5.00 -32.94
CA VAL B 490 19.74 -5.98 -32.02
C VAL B 490 18.61 -5.36 -31.22
N LEU B 491 18.67 -4.06 -30.96
CA LEU B 491 17.54 -3.36 -30.37
C LEU B 491 16.33 -3.43 -31.30
N THR B 492 16.56 -3.20 -32.59
CA THR B 492 15.49 -3.33 -33.58
C THR B 492 14.85 -4.71 -33.50
N VAL B 493 15.66 -5.76 -33.64
CA VAL B 493 15.09 -7.11 -33.70
C VAL B 493 14.47 -7.49 -32.36
N ALA B 494 15.01 -6.97 -31.26
CA ALA B 494 14.45 -7.23 -29.94
C ALA B 494 13.04 -6.64 -29.84
N PHE B 495 12.90 -5.37 -30.22
CA PHE B 495 11.58 -4.75 -30.15
C PHE B 495 10.62 -5.35 -31.16
N LEU B 496 11.13 -5.91 -32.26
CA LEU B 496 10.25 -6.64 -33.16
C LEU B 496 9.76 -7.94 -32.53
N SER B 497 10.59 -8.57 -31.69
CA SER B 497 10.26 -9.87 -31.13
C SER B 497 9.26 -9.79 -29.98
N ILE B 498 8.60 -8.66 -29.78
CA ILE B 498 7.66 -8.50 -28.68
C ILE B 498 6.27 -8.15 -29.19
N LEU B 499 6.19 -7.30 -30.22
CA LEU B 499 4.99 -6.55 -30.55
C LEU B 499 3.77 -7.40 -30.89
N ILE B 500 3.97 -8.60 -31.44
CA ILE B 500 2.81 -9.38 -31.90
C ILE B 500 2.91 -10.82 -31.43
N THR B 501 4.07 -11.22 -30.89
CA THR B 501 4.34 -12.63 -30.65
C THR B 501 3.34 -13.24 -29.67
N ALA B 502 3.30 -12.74 -28.44
CA ALA B 502 2.51 -13.38 -27.39
C ALA B 502 1.01 -13.25 -27.61
N PRO B 503 0.45 -12.05 -27.83
CA PRO B 503 -1.02 -11.93 -27.80
C PRO B 503 -1.71 -12.63 -28.96
N ILE B 504 -1.14 -12.57 -30.16
CA ILE B 504 -1.74 -13.26 -31.28
C ILE B 504 -1.57 -14.77 -31.12
N GLY B 505 -0.58 -15.19 -30.32
CA GLY B 505 -0.43 -16.61 -30.03
C GLY B 505 -1.40 -17.11 -28.99
N SER B 506 -1.80 -16.25 -28.05
CA SER B 506 -2.77 -16.64 -27.04
C SER B 506 -4.21 -16.41 -27.48
N LEU B 507 -4.42 -15.61 -28.52
CA LEU B 507 -5.77 -15.38 -29.05
C LEU B 507 -6.47 -16.68 -29.42
N LEU B 508 -5.71 -17.65 -29.93
CA LEU B 508 -6.32 -18.84 -30.52
C LEU B 508 -6.66 -19.90 -29.48
N ILE B 509 -6.03 -19.85 -28.31
CA ILE B 509 -6.15 -20.94 -27.34
C ILE B 509 -7.60 -21.18 -26.96
N GLY B 510 -8.34 -20.11 -26.69
CA GLY B 510 -9.72 -20.21 -26.22
C GLY B 510 -10.63 -20.96 -27.18
N LEU B 511 -10.22 -21.14 -28.42
CA LEU B 511 -10.98 -21.91 -29.40
C LEU B 511 -10.31 -23.22 -29.75
N LEU B 512 -8.98 -23.25 -29.79
CA LEU B 512 -8.28 -24.51 -30.07
C LEU B 512 -8.49 -25.52 -28.96
N GLY B 513 -8.76 -25.05 -27.74
CA GLY B 513 -9.14 -25.93 -26.66
C GLY B 513 -10.33 -26.79 -27.03
N PRO B 514 -11.47 -26.15 -27.32
CA PRO B 514 -12.63 -26.92 -27.81
C PRO B 514 -12.35 -27.73 -29.07
N ARG B 515 -11.49 -27.23 -29.96
CA ARG B 515 -11.28 -27.90 -31.23
C ARG B 515 -10.49 -29.20 -31.06
N LEU B 516 -9.47 -29.19 -30.19
CA LEU B 516 -8.54 -30.30 -30.10
C LEU B 516 -8.63 -31.08 -28.80
N LEU B 517 -9.22 -30.53 -27.74
CA LEU B 517 -9.31 -31.19 -26.46
C LEU B 517 -10.72 -31.69 -26.22
N GLN B 518 -10.89 -32.48 -25.15
CA GLN B 518 -12.17 -33.09 -24.85
C GLN B 518 -12.70 -32.58 -23.51
N LYS B 519 -14.02 -32.54 -23.38
CA LYS B 519 -14.65 -32.03 -22.17
C LYS B 519 -15.75 -32.97 -21.72
N VAL B 520 -15.94 -33.06 -20.41
CA VAL B 520 -16.98 -33.90 -19.85
C VAL B 520 -18.35 -33.30 -20.13
N GLU B 521 -19.38 -34.15 -20.14
CA GLU B 521 -20.75 -33.71 -20.36
C GLU B 521 -21.25 -32.87 -19.19
#